data_5GTC
#
_entry.id   5GTC
#
_cell.length_a   107.225
_cell.length_b   109.017
_cell.length_c   176.194
_cell.angle_alpha   90.000
_cell.angle_beta   90.000
_cell.angle_gamma   90.000
#
_symmetry.space_group_name_H-M   'P 21 21 21'
#
loop_
_entity.id
_entity.type
_entity.pdbx_description
1 polymer 'Histone H3.1'
2 polymer 'Histone H4'
3 polymer 'Histone H2A type 1-B/E'
4 polymer 'Histone H2B type 1-J'
5 polymer 'DNA (146-MER)'
6 polymer 'LANA peptide'
7 non-polymer 'CHLORIDE ION'
8 non-polymer 'MANGANESE (II) ION'
#
loop_
_entity_poly.entity_id
_entity_poly.type
_entity_poly.pdbx_seq_one_letter_code
_entity_poly.pdbx_strand_id
1 'polypeptide(L)'
;GSHMARTKQTARKSTGGKAPRKQLATKAARKSAPATGGVKKPHRYRPGTVALREIRRYQKSTELLIRKLPFQRLVREIAQ
DFKTDLRFQSSAVMALQEACEAYLVGLFEDTNLCAIHAKRVTIMPKDIQLARRIRGERA
;
A,E
2 'polypeptide(L)'
;GSHMSGRGKGGKGLGKGGAKRHRKVLRDNIQGITKPAIRRLARRGGVKRISGLIYEETRGVLKVFLENVIRDAVTYTEHA
KRKTVTAMDVVYALKRQGRTLYGFGG
;
B,F
3 'polypeptide(L)'
;GSHMSGRGKQGGKARAKAKTRSSRAGLQFPVGRVHRLLRKGNYSERVGAGAPVYLAAVLEYLTAEILELAGNAARDNKKT
RIIPRHLQLAIRNDEELNKLLGRVTIAQGGVLPNIQAVLLPKKTESHHKAKGK
;
C,G
4 'polypeptide(L)'
;GSHMPEPAKSAPAPKKGSKKAVTKAQKKDGKKRKRSRKESYSIYVYKVLKQVHPDTGISSKAMGIMNSFVNDIFERIAGE
ASRLAHYNKRSTITSREIQTAVRLLLPGELAKHAVSEGTKAVTKYTSAK
;
D,H
5 'polydeoxyribonucleotide'
;(DA)(DT)(DC)(DA)(DA)(DT)(DA)(DT)(DC)(DC)(DA)(DC)(DC)(DT)(DG)(DC)(DA)(DG)(DA)(DT)
(DT)(DC)(DT)(DA)(DC)(DC)(DA)(DA)(DA)(DA)(DG)(DT)(DG)(DT)(DA)(DT)(DT)(DT)(DG)(DG)
(DA)(DA)(DA)(DC)(DT)(DG)(DC)(DT)(DC)(DC)(DA)(DT)(DC)(DA)(DA)(DA)(DA)(DG)(DG)(DC)
(DA)(DT)(DG)(DT)(DT)(DC)(DA)(DG)(DC)(DT)(DG)(DA)(DA)(DT)(DT)(DC)(DA)(DG)(DC)(DT)
(DG)(DA)(DA)(DC)(DA)(DT)(DG)(DC)(DC)(DT)(DT)(DT)(DT)(DG)(DA)(DT)(DG)(DG)(DA)(DG)
(DC)(DA)(DG)(DT)(DT)(DT)(DC)(DC)(DA)(DA)(DA)(DT)(DA)(DC)(DA)(DC)(DT)(DT)(DT)(DT)
(DG)(DG)(DT)(DA)(DG)(DA)(DA)(DT)(DC)(DT)(DG)(DC)(DA)(DG)(DG)(DT)(DG)(DG)(DA)(DT)
(DA)(DT)(DT)(DG)(DA)(DT)
;
I,J
6 'polypeptide(L)' GMRLRSGRSTG(NH2) K
#
# COMPACT_ATOMS: atom_id res chain seq x y z
N PRO A 42 -55.05 2.89 -9.41
CA PRO A 42 -53.93 1.96 -9.27
C PRO A 42 -52.70 2.62 -8.62
N HIS A 43 -52.35 2.21 -7.41
CA HIS A 43 -51.36 2.94 -6.62
C HIS A 43 -49.94 2.81 -7.16
N ARG A 44 -49.13 3.81 -6.83
CA ARG A 44 -47.86 4.01 -7.51
C ARG A 44 -46.87 4.85 -6.70
N TYR A 45 -45.71 4.29 -6.35
CA TYR A 45 -44.72 5.07 -5.61
C TYR A 45 -44.03 6.11 -6.48
N ARG A 46 -43.75 7.27 -5.89
CA ARG A 46 -43.07 8.34 -6.61
C ARG A 46 -41.62 7.93 -6.85
N PRO A 47 -41.05 8.34 -8.00
CA PRO A 47 -39.68 7.96 -8.35
C PRO A 47 -38.68 8.32 -7.24
N GLY A 48 -37.92 7.34 -6.81
CA GLY A 48 -36.95 7.56 -5.76
C GLY A 48 -37.30 6.79 -4.51
N THR A 49 -38.59 6.57 -4.26
CA THR A 49 -39.01 5.91 -3.02
C THR A 49 -38.54 4.45 -2.97
N VAL A 50 -38.70 3.77 -4.09
CA VAL A 50 -38.29 2.38 -4.15
C VAL A 50 -36.76 2.26 -4.21
N ALA A 51 -36.11 3.20 -4.87
CA ALA A 51 -34.65 3.23 -4.92
C ALA A 51 -34.06 3.22 -3.52
N LEU A 52 -34.58 4.14 -2.70
CA LEU A 52 -34.16 4.25 -1.32
C LEU A 52 -34.50 3.01 -0.56
N ARG A 53 -35.70 2.49 -0.80
CA ARG A 53 -36.12 1.31 -0.07
C ARG A 53 -35.15 0.15 -0.35
N GLU A 54 -34.69 0.08 -1.60
CA GLU A 54 -33.74 -0.93 -2.02
C GLU A 54 -32.41 -0.69 -1.32
N ILE A 55 -31.97 0.56 -1.29
CA ILE A 55 -30.73 0.90 -0.59
C ILE A 55 -30.77 0.37 0.83
N ARG A 56 -31.82 0.74 1.57
CA ARG A 56 -31.94 0.23 2.93
C ARG A 56 -31.94 -1.29 2.97
N ARG A 57 -32.48 -1.92 1.95
CA ARG A 57 -32.53 -3.37 1.90
C ARG A 57 -31.16 -4.04 1.72
N TYR A 58 -30.47 -3.73 0.61
CA TYR A 58 -29.21 -4.40 0.29
C TYR A 58 -28.06 -4.02 1.19
N GLN A 59 -28.15 -2.86 1.85
CA GLN A 59 -27.09 -2.49 2.78
C GLN A 59 -27.28 -3.29 4.04
N LYS A 60 -28.44 -3.93 4.18
CA LYS A 60 -28.75 -4.65 5.39
C LYS A 60 -28.39 -6.12 5.28
N SER A 61 -28.19 -6.60 4.06
CA SER A 61 -27.84 -8.01 3.84
C SER A 61 -26.39 -8.15 3.41
N THR A 62 -25.97 -9.37 3.13
CA THR A 62 -24.59 -9.62 2.72
C THR A 62 -24.45 -10.60 1.57
N GLU A 63 -25.58 -11.12 1.09
CA GLU A 63 -25.53 -12.12 0.03
C GLU A 63 -24.93 -11.49 -1.24
N LEU A 64 -24.25 -12.31 -2.04
CA LEU A 64 -23.76 -11.86 -3.34
C LEU A 64 -24.91 -11.41 -4.23
N LEU A 65 -24.64 -10.40 -5.03
CA LEU A 65 -25.68 -9.73 -5.81
C LEU A 65 -25.62 -10.02 -7.32
N ILE A 66 -24.56 -10.67 -7.79
CA ILE A 66 -24.48 -11.07 -9.19
C ILE A 66 -24.86 -12.53 -9.31
N ARG A 67 -25.58 -12.89 -10.38
CA ARG A 67 -26.02 -14.27 -10.49
C ARG A 67 -24.75 -15.12 -10.71
N LYS A 68 -24.67 -16.28 -10.05
CA LYS A 68 -23.41 -17.01 -9.95
C LYS A 68 -22.90 -17.50 -11.27
N LEU A 69 -23.73 -18.25 -11.98
CA LEU A 69 -23.33 -18.87 -13.23
C LEU A 69 -22.79 -17.84 -14.22
N PRO A 70 -23.53 -16.73 -14.48
CA PRO A 70 -22.94 -15.73 -15.35
C PRO A 70 -21.51 -15.34 -14.96
N PHE A 71 -21.31 -15.05 -13.67
CA PHE A 71 -19.99 -14.64 -13.19
C PHE A 71 -18.92 -15.72 -13.38
N GLN A 72 -19.31 -16.95 -13.11
CA GLN A 72 -18.43 -18.09 -13.23
C GLN A 72 -17.99 -18.21 -14.70
N ARG A 73 -18.96 -18.00 -15.58
CA ARG A 73 -18.72 -18.09 -17.01
C ARG A 73 -17.73 -17.00 -17.42
N LEU A 74 -17.95 -15.79 -16.92
CA LEU A 74 -17.05 -14.68 -17.23
C LEU A 74 -15.63 -15.00 -16.78
N VAL A 75 -15.50 -15.50 -15.55
CA VAL A 75 -14.21 -15.81 -14.96
C VAL A 75 -13.43 -16.84 -15.78
N ARG A 76 -14.13 -17.88 -16.22
CA ARG A 76 -13.50 -18.91 -17.06
C ARG A 76 -13.11 -18.33 -18.41
N GLU A 77 -13.98 -17.49 -18.96
CA GLU A 77 -13.67 -16.81 -20.21
C GLU A 77 -12.34 -16.09 -20.09
N ILE A 78 -12.29 -15.16 -19.12
CA ILE A 78 -11.11 -14.36 -18.84
C ILE A 78 -9.86 -15.22 -18.70
N ALA A 79 -9.96 -16.27 -17.87
CA ALA A 79 -8.84 -17.16 -17.59
C ALA A 79 -8.31 -17.82 -18.86
N GLN A 80 -9.22 -18.12 -19.79
CA GLN A 80 -8.82 -18.81 -21.01
C GLN A 80 -7.84 -17.98 -21.85
N ASP A 81 -8.00 -16.66 -21.81
CA ASP A 81 -7.05 -15.78 -22.50
C ASP A 81 -5.65 -15.84 -21.91
N PHE A 82 -5.55 -16.32 -20.67
CA PHE A 82 -4.26 -16.41 -20.01
C PHE A 82 -3.60 -17.78 -20.10
N LYS A 83 -4.41 -18.82 -19.95
CA LYS A 83 -3.93 -20.20 -20.05
C LYS A 83 -5.09 -21.16 -20.32
N THR A 84 -4.88 -22.13 -21.19
CA THR A 84 -5.95 -22.99 -21.69
C THR A 84 -6.11 -24.24 -20.84
N ASP A 85 -7.33 -24.78 -20.83
CA ASP A 85 -7.69 -25.98 -20.07
C ASP A 85 -7.36 -25.81 -18.57
N LEU A 86 -7.94 -24.79 -17.97
CA LEU A 86 -7.82 -24.61 -16.54
C LEU A 86 -9.00 -25.18 -15.83
N ARG A 87 -8.79 -25.49 -14.56
CA ARG A 87 -9.86 -25.89 -13.68
C ARG A 87 -9.84 -24.95 -12.47
N PHE A 88 -11.01 -24.70 -11.88
CA PHE A 88 -11.18 -23.73 -10.80
C PHE A 88 -11.79 -24.38 -9.59
N GLN A 89 -11.16 -24.22 -8.43
CA GLN A 89 -11.81 -24.61 -7.21
C GLN A 89 -13.09 -23.78 -7.07
N SER A 90 -14.16 -24.37 -6.55
CA SER A 90 -15.40 -23.61 -6.35
C SER A 90 -15.12 -22.44 -5.42
N SER A 91 -14.33 -22.72 -4.38
CA SER A 91 -13.86 -21.72 -3.42
C SER A 91 -13.17 -20.57 -4.15
N ALA A 92 -12.32 -20.89 -5.11
CA ALA A 92 -11.59 -19.85 -5.85
C ALA A 92 -12.54 -18.90 -6.56
N VAL A 93 -13.58 -19.45 -7.17
CA VAL A 93 -14.52 -18.62 -7.91
C VAL A 93 -15.27 -17.76 -6.91
N MET A 94 -15.72 -18.36 -5.81
CA MET A 94 -16.40 -17.57 -4.80
C MET A 94 -15.50 -16.47 -4.28
N ALA A 95 -14.21 -16.77 -4.14
CA ALA A 95 -13.25 -15.78 -3.70
C ALA A 95 -13.26 -14.61 -4.66
N LEU A 96 -13.21 -14.93 -5.96
CA LEU A 96 -13.24 -13.89 -6.99
C LEU A 96 -14.51 -13.08 -6.91
N GLN A 97 -15.64 -13.73 -6.62
CA GLN A 97 -16.90 -12.98 -6.59
C GLN A 97 -16.98 -12.04 -5.39
N GLU A 98 -16.61 -12.54 -4.20
CA GLU A 98 -16.62 -11.68 -3.01
C GLU A 98 -15.73 -10.48 -3.28
N ALA A 99 -14.53 -10.76 -3.78
CA ALA A 99 -13.56 -9.72 -3.99
C ALA A 99 -14.14 -8.67 -4.90
N CYS A 100 -14.83 -9.15 -5.91
CA CYS A 100 -15.19 -8.32 -7.03
C CYS A 100 -16.40 -7.45 -6.66
N GLU A 101 -17.39 -8.06 -6.01
CA GLU A 101 -18.55 -7.32 -5.59
C GLU A 101 -18.15 -6.26 -4.57
N ALA A 102 -17.33 -6.64 -3.59
CA ALA A 102 -16.86 -5.70 -2.59
C ALA A 102 -16.17 -4.51 -3.23
N TYR A 103 -15.37 -4.81 -4.24
CA TYR A 103 -14.70 -3.75 -4.95
C TYR A 103 -15.68 -2.81 -5.59
N LEU A 104 -16.54 -3.35 -6.46
CA LEU A 104 -17.52 -2.50 -7.15
C LEU A 104 -18.39 -1.67 -6.17
N VAL A 105 -18.78 -2.26 -5.04
CA VAL A 105 -19.58 -1.52 -4.07
C VAL A 105 -18.77 -0.35 -3.48
N GLY A 106 -17.53 -0.58 -3.05
CA GLY A 106 -16.71 0.55 -2.65
C GLY A 106 -16.59 1.63 -3.72
N LEU A 107 -16.51 1.18 -4.96
CA LEU A 107 -16.36 2.09 -6.10
C LEU A 107 -17.61 2.93 -6.29
N PHE A 108 -18.75 2.32 -6.07
CA PHE A 108 -20.00 3.04 -6.16
C PHE A 108 -20.14 4.02 -5.02
N GLU A 109 -19.65 3.68 -3.83
CA GLU A 109 -19.71 4.65 -2.74
C GLU A 109 -18.97 5.90 -3.15
N ASP A 110 -17.76 5.73 -3.67
CA ASP A 110 -16.98 6.89 -4.12
C ASP A 110 -17.61 7.63 -5.30
N THR A 111 -18.09 6.87 -6.28
CA THR A 111 -18.81 7.45 -7.41
C THR A 111 -19.95 8.34 -6.94
N ASN A 112 -20.73 7.81 -6.01
CA ASN A 112 -21.87 8.51 -5.43
C ASN A 112 -21.41 9.82 -4.81
N LEU A 113 -20.33 9.78 -4.02
CA LEU A 113 -19.78 11.03 -3.49
C LEU A 113 -19.43 12.03 -4.60
N CYS A 114 -18.90 11.52 -5.72
CA CYS A 114 -18.54 12.40 -6.83
C CYS A 114 -19.76 13.00 -7.54
N ALA A 115 -20.85 12.24 -7.60
CA ALA A 115 -22.13 12.77 -8.06
C ALA A 115 -22.62 13.90 -7.13
N ILE A 116 -22.62 13.63 -5.82
CA ILE A 116 -23.07 14.61 -4.83
C ILE A 116 -22.25 15.91 -4.95
N HIS A 117 -20.95 15.78 -5.17
CA HIS A 117 -20.07 16.94 -5.22
C HIS A 117 -20.51 17.94 -6.28
N ALA A 118 -21.01 17.41 -7.40
CA ALA A 118 -21.41 18.22 -8.56
C ALA A 118 -22.87 18.66 -8.49
N LYS A 119 -23.44 18.68 -7.28
CA LYS A 119 -24.81 19.11 -7.09
C LYS A 119 -25.76 18.23 -7.93
N ARG A 120 -25.36 16.98 -8.16
CA ARG A 120 -26.21 15.98 -8.79
C ARG A 120 -26.62 14.87 -7.82
N VAL A 121 -27.52 14.01 -8.27
CA VAL A 121 -27.98 12.87 -7.48
C VAL A 121 -27.87 11.58 -8.34
N THR A 122 -27.56 11.77 -9.63
CA THR A 122 -27.39 10.67 -10.56
C THR A 122 -25.93 10.38 -10.89
N ILE A 123 -25.49 9.14 -10.71
CA ILE A 123 -24.11 8.82 -10.98
C ILE A 123 -23.91 8.54 -12.48
N MET A 124 -22.85 9.09 -13.05
CA MET A 124 -22.58 8.98 -14.47
C MET A 124 -21.15 8.49 -14.67
N PRO A 125 -20.84 7.94 -15.84
CA PRO A 125 -19.47 7.49 -16.10
C PRO A 125 -18.40 8.51 -15.64
N LYS A 126 -18.74 9.77 -15.79
CA LYS A 126 -17.88 10.87 -15.40
C LYS A 126 -17.39 10.69 -13.95
N ASP A 127 -18.33 10.37 -13.06
CA ASP A 127 -18.05 10.21 -11.63
C ASP A 127 -17.18 8.99 -11.32
N ILE A 128 -17.46 7.86 -11.96
CA ILE A 128 -16.59 6.67 -11.88
C ILE A 128 -15.16 6.98 -12.37
N GLN A 129 -15.06 7.75 -13.43
CA GLN A 129 -13.76 8.09 -13.96
C GLN A 129 -12.97 8.96 -12.96
N LEU A 130 -13.64 9.94 -12.36
CA LEU A 130 -12.94 10.81 -11.40
C LEU A 130 -12.56 10.03 -10.16
N ALA A 131 -13.44 9.13 -9.74
CA ALA A 131 -13.17 8.29 -8.59
C ALA A 131 -11.92 7.46 -8.81
N ARG A 132 -11.88 6.78 -9.95
CA ARG A 132 -10.78 5.88 -10.29
C ARG A 132 -9.49 6.65 -10.55
N ARG A 133 -9.58 7.89 -10.99
CA ARG A 133 -8.36 8.67 -11.16
C ARG A 133 -7.85 9.15 -9.79
N ILE A 134 -8.75 9.49 -8.86
CA ILE A 134 -8.27 9.92 -7.55
C ILE A 134 -7.62 8.76 -6.79
N ARG A 135 -8.26 7.58 -6.89
CA ARG A 135 -7.75 6.35 -6.29
C ARG A 135 -6.40 5.94 -6.82
N GLY A 136 -6.04 6.39 -8.01
CA GLY A 136 -4.77 5.99 -8.57
C GLY A 136 -4.90 4.75 -9.44
N GLU A 137 -6.13 4.41 -9.74
CA GLU A 137 -6.39 3.25 -10.56
C GLU A 137 -6.11 3.56 -12.04
N ARG A 138 -5.89 4.84 -12.35
CA ARG A 138 -5.68 5.31 -13.73
C ARG A 138 -4.51 6.29 -13.84
N ASN B 29 -19.23 -13.00 -22.48
CA ASN B 29 -19.99 -13.39 -21.30
C ASN B 29 -20.20 -12.22 -20.35
N ILE B 30 -19.50 -11.12 -20.63
CA ILE B 30 -19.62 -9.93 -19.83
C ILE B 30 -21.03 -9.33 -19.80
N GLN B 31 -21.81 -9.50 -20.86
CA GLN B 31 -23.16 -8.92 -20.87
C GLN B 31 -24.05 -9.71 -19.92
N GLY B 32 -23.51 -10.81 -19.43
CA GLY B 32 -24.16 -11.65 -18.44
C GLY B 32 -24.32 -10.97 -17.11
N ILE B 33 -23.42 -10.03 -16.82
CA ILE B 33 -23.50 -9.21 -15.61
C ILE B 33 -24.58 -8.17 -15.87
N THR B 34 -25.81 -8.54 -15.53
CA THR B 34 -26.99 -7.82 -16.01
C THR B 34 -27.20 -6.43 -15.39
N LYS B 35 -28.09 -5.67 -16.01
CA LYS B 35 -28.43 -4.36 -15.49
C LYS B 35 -29.08 -4.43 -14.10
N PRO B 36 -30.04 -5.33 -13.88
CA PRO B 36 -30.50 -5.41 -12.48
C PRO B 36 -29.37 -5.74 -11.51
N ALA B 37 -28.41 -6.58 -11.90
CA ALA B 37 -27.32 -6.94 -11.00
C ALA B 37 -26.50 -5.72 -10.59
N ILE B 38 -26.12 -4.96 -11.60
CA ILE B 38 -25.34 -3.76 -11.40
C ILE B 38 -26.12 -2.77 -10.55
N ARG B 39 -27.42 -2.70 -10.78
CA ARG B 39 -28.24 -1.74 -10.04
C ARG B 39 -28.25 -2.17 -8.57
N ARG B 40 -28.30 -3.47 -8.28
CA ARG B 40 -28.23 -3.91 -6.89
C ARG B 40 -26.90 -3.51 -6.26
N LEU B 41 -25.80 -3.72 -6.98
CA LEU B 41 -24.51 -3.37 -6.41
C LEU B 41 -24.46 -1.88 -6.07
N ALA B 42 -24.89 -1.04 -7.00
CA ALA B 42 -24.91 0.40 -6.73
C ALA B 42 -25.79 0.70 -5.54
N ARG B 43 -26.89 -0.02 -5.41
CA ARG B 43 -27.79 0.16 -4.27
C ARG B 43 -27.07 -0.12 -2.95
N ARG B 44 -26.29 -1.20 -2.89
CA ARG B 44 -25.52 -1.45 -1.68
C ARG B 44 -24.55 -0.32 -1.42
N GLY B 45 -24.11 0.33 -2.50
CA GLY B 45 -23.16 1.42 -2.43
C GLY B 45 -23.81 2.76 -2.07
N GLY B 46 -25.12 2.73 -1.78
CA GLY B 46 -25.84 3.91 -1.34
C GLY B 46 -26.39 4.81 -2.44
N VAL B 47 -26.44 4.30 -3.67
CA VAL B 47 -26.85 5.06 -4.85
C VAL B 47 -28.34 5.03 -5.19
N LYS B 48 -28.91 6.23 -5.34
CA LYS B 48 -30.34 6.41 -5.58
C LYS B 48 -30.71 6.43 -7.07
N ARG B 49 -30.00 7.24 -7.87
CA ARG B 49 -30.39 7.43 -9.26
C ARG B 49 -29.20 7.11 -10.16
N ILE B 50 -29.45 6.43 -11.28
CA ILE B 50 -28.37 5.86 -12.10
C ILE B 50 -28.48 6.11 -13.63
N SER B 51 -27.52 6.84 -14.18
CA SER B 51 -27.44 7.10 -15.61
C SER B 51 -27.33 5.80 -16.37
N GLY B 52 -28.01 5.70 -17.51
CA GLY B 52 -28.06 4.49 -18.31
C GLY B 52 -26.72 4.12 -18.93
N LEU B 53 -25.81 5.08 -18.98
CA LEU B 53 -24.48 4.82 -19.52
C LEU B 53 -23.60 4.11 -18.51
N ILE B 54 -24.08 4.03 -17.29
CA ILE B 54 -23.29 3.46 -16.21
C ILE B 54 -22.99 2.00 -16.43
N TYR B 55 -23.97 1.25 -16.92
CA TYR B 55 -23.85 -0.21 -17.01
C TYR B 55 -22.70 -0.69 -17.92
N GLU B 56 -22.53 -0.09 -19.09
CA GLU B 56 -21.38 -0.53 -19.88
C GLU B 56 -20.08 -0.08 -19.19
N GLU B 57 -20.08 1.11 -18.59
CA GLU B 57 -18.89 1.58 -17.87
C GLU B 57 -18.49 0.58 -16.78
N THR B 58 -19.47 0.19 -15.98
CA THR B 58 -19.23 -0.76 -14.93
C THR B 58 -18.73 -2.08 -15.49
N ARG B 59 -19.37 -2.62 -16.52
CA ARG B 59 -18.91 -3.90 -17.07
C ARG B 59 -17.48 -3.75 -17.50
N GLY B 60 -17.12 -2.56 -17.98
CA GLY B 60 -15.75 -2.32 -18.40
C GLY B 60 -14.79 -2.45 -17.23
N VAL B 61 -15.13 -1.75 -16.15
CA VAL B 61 -14.26 -1.68 -14.98
C VAL B 61 -14.11 -3.04 -14.34
N LEU B 62 -15.23 -3.76 -14.29
CA LEU B 62 -15.29 -5.10 -13.72
C LEU B 62 -14.36 -5.98 -14.52
N LYS B 63 -14.48 -5.88 -15.85
CA LYS B 63 -13.67 -6.68 -16.73
C LYS B 63 -12.19 -6.44 -16.45
N VAL B 64 -11.77 -5.17 -16.31
CA VAL B 64 -10.36 -4.85 -16.02
C VAL B 64 -9.91 -5.41 -14.64
N PHE B 65 -10.78 -5.28 -13.66
CA PHE B 65 -10.50 -5.82 -12.34
C PHE B 65 -10.18 -7.31 -12.45
N LEU B 66 -11.15 -8.05 -12.97
CA LEU B 66 -10.99 -9.48 -13.21
C LEU B 66 -9.75 -9.80 -14.03
N GLU B 67 -9.43 -8.99 -15.02
CA GLU B 67 -8.25 -9.29 -15.79
C GLU B 67 -7.05 -9.23 -14.87
N ASN B 68 -6.91 -8.18 -14.06
CA ASN B 68 -5.70 -8.07 -13.24
C ASN B 68 -5.59 -9.16 -12.16
N VAL B 69 -6.68 -9.35 -11.43
CA VAL B 69 -6.65 -10.37 -10.40
C VAL B 69 -6.41 -11.76 -11.00
N ILE B 70 -7.21 -12.15 -12.00
CA ILE B 70 -7.07 -13.50 -12.55
C ILE B 70 -5.71 -13.68 -13.21
N ARG B 71 -5.19 -12.66 -13.87
CA ARG B 71 -3.86 -12.80 -14.47
C ARG B 71 -2.85 -13.14 -13.37
N ASP B 72 -2.91 -12.43 -12.24
CA ASP B 72 -1.94 -12.76 -11.18
C ASP B 72 -2.20 -14.17 -10.64
N ALA B 73 -3.47 -14.53 -10.51
CA ALA B 73 -3.85 -15.84 -9.98
C ALA B 73 -3.25 -16.92 -10.83
N VAL B 74 -3.49 -16.83 -12.13
CA VAL B 74 -3.01 -17.84 -13.05
C VAL B 74 -1.50 -17.87 -13.00
N THR B 75 -0.84 -16.71 -12.89
CA THR B 75 0.60 -16.74 -12.72
C THR B 75 0.98 -17.58 -11.49
N TYR B 76 0.23 -17.45 -10.40
CA TYR B 76 0.50 -18.32 -9.24
C TYR B 76 0.24 -19.80 -9.61
N THR B 77 -0.81 -20.08 -10.37
CA THR B 77 -1.15 -21.46 -10.70
C THR B 77 -0.04 -22.09 -11.55
N GLU B 78 0.41 -21.37 -12.58
CA GLU B 78 1.48 -21.85 -13.44
C GLU B 78 2.80 -22.03 -12.72
N HIS B 79 3.16 -21.10 -11.84
CA HIS B 79 4.45 -21.25 -11.19
C HIS B 79 4.49 -22.52 -10.36
N ALA B 80 3.33 -22.90 -9.83
CA ALA B 80 3.20 -24.11 -9.02
C ALA B 80 3.14 -25.39 -9.85
N LYS B 81 3.25 -25.24 -11.17
CA LYS B 81 3.11 -26.36 -12.10
C LYS B 81 1.81 -27.08 -11.85
N ARG B 82 0.73 -26.32 -11.69
CA ARG B 82 -0.59 -26.89 -11.48
C ARG B 82 -1.52 -26.54 -12.62
N LYS B 83 -2.62 -27.28 -12.72
CA LYS B 83 -3.61 -27.00 -13.74
C LYS B 83 -4.91 -26.50 -13.13
N THR B 84 -4.95 -26.45 -11.81
CA THR B 84 -6.15 -25.95 -11.16
C THR B 84 -5.92 -24.65 -10.37
N VAL B 85 -6.69 -23.61 -10.68
CA VAL B 85 -6.65 -22.38 -9.92
C VAL B 85 -7.31 -22.59 -8.55
N THR B 86 -6.51 -22.38 -7.49
CA THR B 86 -6.95 -22.59 -6.11
C THR B 86 -7.39 -21.31 -5.45
N ALA B 87 -8.14 -21.43 -4.36
CA ALA B 87 -8.54 -20.25 -3.62
C ALA B 87 -7.31 -19.47 -3.19
N MET B 88 -6.26 -20.17 -2.76
CA MET B 88 -5.04 -19.52 -2.30
C MET B 88 -4.34 -18.67 -3.38
N ASP B 89 -4.40 -19.11 -4.63
CA ASP B 89 -3.83 -18.39 -5.77
C ASP B 89 -4.54 -17.06 -5.93
N VAL B 90 -5.86 -17.13 -5.86
CA VAL B 90 -6.72 -15.97 -5.89
C VAL B 90 -6.39 -15.03 -4.73
N VAL B 91 -6.26 -15.57 -3.53
CA VAL B 91 -6.01 -14.76 -2.35
C VAL B 91 -4.67 -14.04 -2.40
N TYR B 92 -3.63 -14.74 -2.84
CA TYR B 92 -2.33 -14.10 -2.98
C TYR B 92 -2.45 -13.01 -3.99
N ALA B 93 -3.23 -13.27 -5.05
CA ALA B 93 -3.39 -12.34 -6.15
C ALA B 93 -3.99 -11.04 -5.65
N LEU B 94 -5.11 -11.16 -4.95
CA LEU B 94 -5.78 -10.06 -4.30
C LEU B 94 -4.84 -9.28 -3.38
N LYS B 95 -4.08 -10.00 -2.55
CA LYS B 95 -3.18 -9.35 -1.62
C LYS B 95 -2.17 -8.50 -2.37
N ARG B 96 -1.70 -9.03 -3.49
CA ARG B 96 -0.73 -8.35 -4.33
C ARG B 96 -1.29 -7.04 -4.81
N GLN B 97 -2.55 -7.09 -5.26
CA GLN B 97 -3.24 -5.95 -5.82
C GLN B 97 -3.74 -5.03 -4.74
N GLY B 98 -3.38 -5.30 -3.50
CA GLY B 98 -3.83 -4.49 -2.40
C GLY B 98 -5.33 -4.62 -2.21
N ARG B 99 -5.85 -5.83 -2.36
CA ARG B 99 -7.26 -6.05 -2.11
C ARG B 99 -7.47 -7.19 -1.12
N THR B 100 -6.70 -7.18 -0.04
CA THR B 100 -6.65 -8.32 0.85
C THR B 100 -8.00 -8.87 1.18
N LEU B 101 -8.18 -10.16 0.97
CA LEU B 101 -9.46 -10.79 1.25
C LEU B 101 -9.35 -11.72 2.48
N TYR B 102 -10.29 -11.63 3.40
CA TYR B 102 -10.32 -12.57 4.53
C TYR B 102 -11.36 -13.64 4.29
N GLY B 103 -11.03 -14.90 4.60
CA GLY B 103 -12.05 -15.93 4.63
C GLY B 103 -11.85 -17.10 3.71
N PHE B 104 -10.75 -17.13 2.95
CA PHE B 104 -10.54 -18.18 1.97
C PHE B 104 -9.13 -18.78 2.09
N GLY B 105 -8.57 -18.69 3.28
CA GLY B 105 -7.20 -19.05 3.58
C GLY B 105 -6.40 -17.84 4.07
N GLY B 106 -5.27 -18.12 4.73
CA GLY B 106 -4.48 -17.06 5.34
C GLY B 106 -3.21 -16.72 4.59
N ARG C 15 46.49 -23.50 -10.86
CA ARG C 15 45.23 -22.76 -10.73
C ARG C 15 44.75 -22.16 -12.05
N ALA C 16 43.46 -21.87 -12.12
CA ALA C 16 42.88 -21.13 -13.23
C ALA C 16 42.68 -19.66 -12.82
N LYS C 17 42.62 -18.79 -13.80
CA LYS C 17 42.44 -17.37 -13.50
C LYS C 17 40.95 -17.13 -13.27
N ALA C 18 40.62 -16.05 -12.56
CA ALA C 18 39.24 -15.76 -12.21
C ALA C 18 38.55 -14.97 -13.30
N LYS C 19 37.34 -15.38 -13.64
CA LYS C 19 36.47 -14.57 -14.48
C LYS C 19 35.14 -14.35 -13.73
N THR C 20 34.87 -13.08 -13.41
CA THR C 20 33.72 -12.67 -12.60
C THR C 20 32.42 -13.20 -13.20
N ARG C 21 31.52 -13.68 -12.37
CA ARG C 21 30.23 -14.19 -12.85
C ARG C 21 29.49 -13.19 -13.78
N SER C 22 29.69 -11.89 -13.51
CA SER C 22 29.14 -10.87 -14.37
C SER C 22 29.70 -11.03 -15.76
N SER C 23 31.01 -11.28 -15.89
CA SER C 23 31.58 -11.43 -17.23
C SER C 23 31.00 -12.66 -17.92
N ARG C 24 30.87 -13.77 -17.21
CA ARG C 24 30.37 -14.97 -17.85
C ARG C 24 28.88 -14.88 -18.24
N ALA C 25 28.13 -13.93 -17.69
CA ALA C 25 26.74 -13.80 -18.17
C ALA C 25 26.67 -12.60 -19.09
N GLY C 26 27.78 -11.90 -19.18
CA GLY C 26 27.88 -10.82 -20.13
C GLY C 26 26.96 -9.72 -19.67
N LEU C 27 27.09 -9.40 -18.38
CA LEU C 27 26.33 -8.35 -17.72
C LEU C 27 27.31 -7.36 -17.13
N GLN C 28 26.83 -6.14 -16.94
CA GLN C 28 27.57 -5.06 -16.30
C GLN C 28 27.37 -5.07 -14.78
N PHE C 29 26.16 -5.45 -14.36
CA PHE C 29 25.78 -5.45 -12.96
C PHE C 29 26.44 -6.58 -12.16
N PRO C 30 26.82 -6.27 -10.91
CA PRO C 30 27.67 -7.16 -10.10
C PRO C 30 26.91 -8.37 -9.59
N VAL C 31 27.17 -9.51 -10.21
CA VAL C 31 26.48 -10.75 -9.88
C VAL C 31 26.81 -11.23 -8.48
N GLY C 32 28.08 -11.15 -8.11
CA GLY C 32 28.50 -11.63 -6.80
C GLY C 32 27.70 -10.87 -5.77
N ARG C 33 27.73 -9.55 -5.92
CA ARG C 33 27.06 -8.58 -5.05
C ARG C 33 25.55 -8.84 -4.96
N VAL C 34 24.87 -9.01 -6.07
CA VAL C 34 23.47 -9.36 -6.00
C VAL C 34 23.27 -10.71 -5.25
N HIS C 35 24.18 -11.67 -5.44
CA HIS C 35 24.07 -12.95 -4.73
C HIS C 35 24.16 -12.78 -3.22
N ARG C 36 25.14 -11.98 -2.81
CA ARG C 36 25.37 -11.71 -1.42
C ARG C 36 24.12 -11.06 -0.84
N LEU C 37 23.67 -9.98 -1.45
CA LEU C 37 22.51 -9.27 -0.96
C LEU C 37 21.29 -10.21 -0.91
N LEU C 38 21.23 -11.20 -1.79
CA LEU C 38 20.12 -12.15 -1.71
C LEU C 38 20.23 -13.03 -0.46
N ARG C 39 21.42 -13.54 -0.17
CA ARG C 39 21.63 -14.35 1.06
C ARG C 39 21.35 -13.59 2.36
N LYS C 40 21.98 -12.42 2.45
CA LYS C 40 21.94 -11.57 3.62
C LYS C 40 20.55 -11.04 4.01
N GLY C 41 19.66 -10.91 3.05
CA GLY C 41 18.34 -10.36 3.31
C GLY C 41 17.32 -11.39 3.75
N ASN C 42 17.75 -12.64 3.90
CA ASN C 42 16.85 -13.71 4.34
C ASN C 42 15.54 -13.76 3.58
N TYR C 43 15.65 -13.95 2.28
CA TYR C 43 14.47 -14.17 1.48
C TYR C 43 14.20 -15.66 1.44
N SER C 44 15.28 -16.44 1.58
CA SER C 44 15.13 -17.88 1.66
C SER C 44 16.31 -18.58 2.34
N GLU C 45 16.07 -19.83 2.69
CA GLU C 45 17.11 -20.65 3.29
C GLU C 45 18.29 -20.77 2.34
N ARG C 46 18.03 -21.05 1.06
CA ARG C 46 19.10 -21.25 0.06
C ARG C 46 18.86 -20.46 -1.24
N VAL C 47 19.93 -20.23 -1.99
CA VAL C 47 19.85 -19.42 -3.20
C VAL C 47 20.46 -20.09 -4.42
N GLY C 48 19.65 -20.37 -5.44
CA GLY C 48 20.13 -21.03 -6.63
C GLY C 48 21.19 -20.21 -7.36
N ALA C 49 22.02 -20.85 -8.17
CA ALA C 49 23.20 -20.19 -8.73
C ALA C 49 22.83 -19.20 -9.83
N GLY C 50 21.62 -19.38 -10.37
CA GLY C 50 21.13 -18.61 -11.51
C GLY C 50 20.29 -17.39 -11.14
N ALA C 51 19.78 -17.40 -9.92
CA ALA C 51 18.94 -16.32 -9.41
C ALA C 51 19.68 -14.98 -9.36
N PRO C 52 20.90 -14.92 -8.80
CA PRO C 52 21.53 -13.60 -8.86
C PRO C 52 21.87 -13.15 -10.27
N VAL C 53 22.10 -14.13 -11.16
CA VAL C 53 22.39 -13.86 -12.57
C VAL C 53 21.17 -13.29 -13.28
N TYR C 54 20.04 -13.97 -13.13
CA TYR C 54 18.79 -13.48 -13.71
C TYR C 54 18.43 -12.10 -13.17
N LEU C 55 18.47 -11.95 -11.85
CA LEU C 55 18.03 -10.71 -11.21
C LEU C 55 18.92 -9.57 -11.64
N ALA C 56 20.23 -9.82 -11.71
CA ALA C 56 21.12 -8.73 -12.07
C ALA C 56 20.81 -8.36 -13.49
N ALA C 57 20.57 -9.37 -14.31
CA ALA C 57 20.18 -9.12 -15.70
C ALA C 57 18.99 -8.16 -15.73
N VAL C 58 17.93 -8.47 -14.96
CA VAL C 58 16.76 -7.58 -14.88
C VAL C 58 17.08 -6.14 -14.38
N LEU C 59 17.81 -6.01 -13.29
CA LEU C 59 18.13 -4.69 -12.77
C LEU C 59 18.90 -3.86 -13.80
N GLU C 60 19.79 -4.54 -14.54
CA GLU C 60 20.56 -3.89 -15.60
C GLU C 60 19.71 -3.50 -16.79
N TYR C 61 18.78 -4.36 -17.15
CA TYR C 61 17.89 -4.02 -18.22
C TYR C 61 17.14 -2.73 -17.84
N LEU C 62 16.46 -2.75 -16.69
CA LEU C 62 15.61 -1.64 -16.25
C LEU C 62 16.43 -0.34 -16.12
N THR C 63 17.62 -0.45 -15.52
CA THR C 63 18.53 0.69 -15.48
C THR C 63 18.79 1.22 -16.88
N ALA C 64 18.99 0.29 -17.83
CA ALA C 64 19.25 0.67 -19.21
C ALA C 64 18.09 1.45 -19.82
N GLU C 65 16.88 0.94 -19.64
CA GLU C 65 15.68 1.64 -20.13
C GLU C 65 15.51 3.07 -19.51
N ILE C 66 15.49 3.19 -18.18
CA ILE C 66 15.44 4.53 -17.58
C ILE C 66 16.53 5.42 -18.19
N LEU C 67 17.75 4.92 -18.27
CA LEU C 67 18.84 5.75 -18.78
C LEU C 67 18.70 6.15 -20.27
N GLU C 68 18.14 5.28 -21.10
CA GLU C 68 17.90 5.64 -22.51
C GLU C 68 16.93 6.82 -22.55
N LEU C 69 15.77 6.66 -21.90
CA LEU C 69 14.74 7.72 -21.99
C LEU C 69 15.16 9.03 -21.36
N ALA C 70 15.88 8.93 -20.24
CA ALA C 70 16.36 10.10 -19.52
C ALA C 70 17.45 10.85 -20.31
N GLY C 71 18.37 10.09 -20.89
CA GLY C 71 19.35 10.69 -21.79
C GLY C 71 18.65 11.43 -22.92
N ASN C 72 17.58 10.83 -23.44
CA ASN C 72 16.85 11.53 -24.48
C ASN C 72 16.40 12.86 -23.95
N ALA C 73 15.72 12.85 -22.80
CA ALA C 73 15.19 14.10 -22.23
C ALA C 73 16.27 15.15 -21.93
N ALA C 74 17.48 14.72 -21.55
CA ALA C 74 18.61 15.62 -21.39
C ALA C 74 19.01 16.23 -22.72
N ARG C 75 19.08 15.40 -23.76
CA ARG C 75 19.34 15.91 -25.11
C ARG C 75 18.30 16.93 -25.55
N ASP C 76 17.02 16.66 -25.34
CA ASP C 76 15.95 17.57 -25.77
C ASP C 76 16.00 18.91 -25.07
N ASN C 77 16.53 18.95 -23.86
CA ASN C 77 16.56 20.18 -23.09
C ASN C 77 18.00 20.72 -23.14
N LYS C 78 18.70 20.47 -24.24
CA LYS C 78 19.99 21.16 -24.46
C LYS C 78 21.08 20.65 -23.50
N LYS C 79 20.82 19.59 -22.76
CA LYS C 79 21.73 19.27 -21.66
C LYS C 79 22.51 18.01 -21.93
N THR C 80 23.74 17.93 -21.43
CA THR C 80 24.58 16.76 -21.70
C THR C 80 24.78 15.97 -20.43
N ARG C 81 24.26 16.51 -19.33
CA ARG C 81 24.37 15.86 -18.05
C ARG C 81 22.97 15.61 -17.51
N ILE C 82 22.68 14.37 -17.18
CA ILE C 82 21.37 14.03 -16.64
C ILE C 82 21.18 14.52 -15.19
N ILE C 83 20.14 15.32 -14.96
CA ILE C 83 19.76 15.75 -13.61
C ILE C 83 18.46 15.02 -13.26
N PRO C 84 18.05 15.01 -11.97
CA PRO C 84 16.81 14.30 -11.59
C PRO C 84 15.57 14.66 -12.42
N ARG C 85 15.47 15.90 -12.89
CA ARG C 85 14.34 16.33 -13.70
C ARG C 85 14.18 15.47 -14.92
N HIS C 86 15.30 15.07 -15.52
CA HIS C 86 15.26 14.30 -16.77
C HIS C 86 14.81 12.90 -16.48
N LEU C 87 15.21 12.38 -15.30
CA LEU C 87 14.73 11.09 -14.88
C LEU C 87 13.24 11.17 -14.67
N GLN C 88 12.77 12.28 -14.10
CA GLN C 88 11.34 12.46 -13.90
C GLN C 88 10.57 12.52 -15.20
N LEU C 89 10.95 13.42 -16.14
CA LEU C 89 10.30 13.49 -17.47
C LEU C 89 10.27 12.13 -18.14
N ALA C 90 11.43 11.47 -18.12
CA ALA C 90 11.54 10.14 -18.68
C ALA C 90 10.56 9.17 -18.04
N ILE C 91 10.43 9.16 -16.71
CA ILE C 91 9.54 8.21 -16.05
C ILE C 91 8.09 8.53 -16.34
N ARG C 92 7.72 9.79 -16.17
CA ARG C 92 6.32 10.16 -16.17
C ARG C 92 5.74 10.19 -17.58
N ASN C 93 6.60 10.27 -18.60
CA ASN C 93 6.11 10.26 -19.99
C ASN C 93 5.99 8.87 -20.63
N ASP C 94 6.47 7.83 -19.95
CA ASP C 94 6.38 6.46 -20.41
C ASP C 94 5.37 5.69 -19.62
N GLU C 95 4.35 5.13 -20.28
CA GLU C 95 3.25 4.52 -19.56
C GLU C 95 3.71 3.47 -18.55
N GLU C 96 4.58 2.59 -18.99
CA GLU C 96 4.98 1.48 -18.12
C GLU C 96 5.93 1.84 -16.97
N LEU C 97 6.88 2.73 -17.19
CA LEU C 97 7.75 3.16 -16.11
C LEU C 97 6.91 3.92 -15.08
N ASN C 98 5.98 4.73 -15.58
CA ASN C 98 5.16 5.49 -14.66
C ASN C 98 4.31 4.54 -13.84
N LYS C 99 3.86 3.42 -14.40
CA LYS C 99 3.08 2.48 -13.57
C LYS C 99 3.97 1.83 -12.54
N LEU C 100 5.15 1.45 -12.98
CA LEU C 100 6.09 0.74 -12.09
C LEU C 100 6.49 1.63 -10.94
N LEU C 101 6.52 2.93 -11.20
CA LEU C 101 6.96 3.89 -10.19
C LEU C 101 5.82 4.82 -9.85
N GLY C 102 4.59 4.26 -9.87
CA GLY C 102 3.39 5.04 -9.62
C GLY C 102 3.31 5.64 -8.23
N ARG C 103 4.01 5.04 -7.27
CA ARG C 103 3.92 5.42 -5.87
C ARG C 103 5.32 5.81 -5.37
N VAL C 104 6.12 6.41 -6.25
CA VAL C 104 7.50 6.79 -5.92
C VAL C 104 7.64 8.28 -6.20
N THR C 105 8.43 8.98 -5.37
CA THR C 105 8.69 10.42 -5.50
C THR C 105 10.12 10.59 -5.94
N ILE C 106 10.35 11.35 -6.98
CA ILE C 106 11.73 11.54 -7.38
C ILE C 106 12.13 12.88 -6.90
N ALA C 107 13.00 12.95 -5.89
CA ALA C 107 13.39 14.27 -5.38
C ALA C 107 13.84 15.18 -6.53
N GLN C 108 13.50 16.45 -6.47
CA GLN C 108 13.90 17.42 -7.48
C GLN C 108 13.32 17.09 -8.86
N GLY C 109 12.32 16.24 -8.89
CA GLY C 109 11.65 15.86 -10.11
C GLY C 109 10.75 16.87 -10.76
N GLY C 110 10.13 17.76 -10.01
CA GLY C 110 9.14 18.64 -10.59
C GLY C 110 7.92 17.81 -10.99
N VAL C 111 7.07 18.37 -11.85
CA VAL C 111 5.97 17.60 -12.42
C VAL C 111 5.91 17.74 -13.96
N LEU C 112 5.10 16.92 -14.64
CA LEU C 112 4.93 17.13 -16.08
C LEU C 112 4.13 18.37 -16.26
N PRO C 113 4.57 19.26 -17.17
CA PRO C 113 3.72 20.41 -17.44
C PRO C 113 2.46 19.93 -18.07
N ASN C 114 1.36 20.29 -17.43
CA ASN C 114 0.03 19.88 -17.81
C ASN C 114 -0.95 20.83 -17.16
N ILE C 115 -1.75 21.50 -18.00
CA ILE C 115 -2.80 22.43 -17.60
C ILE C 115 -4.14 21.93 -18.09
N GLN C 116 -5.12 21.81 -17.20
CA GLN C 116 -6.42 21.32 -17.61
C GLN C 116 -6.95 22.29 -18.60
N ALA C 117 -7.58 21.77 -19.67
CA ALA C 117 -8.05 22.57 -20.80
C ALA C 117 -8.94 23.70 -20.34
N VAL C 118 -9.87 23.38 -19.46
CA VAL C 118 -10.94 24.30 -19.09
C VAL C 118 -10.37 25.56 -18.47
N LEU C 119 -9.15 25.47 -17.98
CA LEU C 119 -8.56 26.60 -17.27
C LEU C 119 -8.08 27.65 -18.23
N LEU C 120 -7.76 27.22 -19.45
CA LEU C 120 -7.21 28.07 -20.49
C LEU C 120 -8.23 29.07 -20.92
N PRO C 121 -7.77 30.26 -21.35
CA PRO C 121 -8.69 31.35 -21.71
C PRO C 121 -9.73 30.90 -22.74
N LYS C 122 -10.92 31.51 -22.73
CA LYS C 122 -11.91 31.24 -23.76
C LYS C 122 -12.53 32.50 -24.35
N SER D 36 35.20 3.97 6.81
CA SER D 36 34.33 2.84 6.50
C SER D 36 33.88 2.90 5.05
N ARG D 37 33.25 1.83 4.55
CA ARG D 37 32.90 1.75 3.12
C ARG D 37 31.40 1.69 2.83
N LYS D 38 30.95 2.59 1.95
CA LYS D 38 29.54 2.66 1.55
C LYS D 38 29.39 2.02 0.18
N GLU D 39 28.76 0.86 0.08
CA GLU D 39 28.57 0.30 -1.25
C GLU D 39 27.43 0.99 -1.99
N SER D 40 27.52 0.94 -3.32
CA SER D 40 26.57 1.65 -4.16
C SER D 40 26.57 0.92 -5.49
N TYR D 41 25.77 1.41 -6.45
CA TYR D 41 25.75 0.85 -7.80
C TYR D 41 26.25 1.85 -8.84
N SER D 42 26.83 2.96 -8.42
CA SER D 42 27.29 3.99 -9.35
C SER D 42 28.19 3.45 -10.48
N ILE D 43 29.12 2.59 -10.12
CA ILE D 43 30.00 1.96 -11.08
C ILE D 43 29.18 1.37 -12.22
N TYR D 44 28.14 0.63 -11.85
CA TYR D 44 27.37 -0.11 -12.82
C TYR D 44 26.38 0.73 -13.60
N VAL D 45 25.70 1.65 -12.92
CA VAL D 45 24.80 2.56 -13.60
C VAL D 45 25.63 3.28 -14.61
N TYR D 46 26.77 3.83 -14.20
CA TYR D 46 27.62 4.57 -15.15
C TYR D 46 28.07 3.73 -16.35
N LYS D 47 28.45 2.48 -16.10
CA LYS D 47 28.74 1.64 -17.24
C LYS D 47 27.54 1.64 -18.18
N VAL D 48 26.35 1.32 -17.67
CA VAL D 48 25.19 1.25 -18.57
C VAL D 48 24.95 2.63 -19.25
N LEU D 49 25.15 3.72 -18.52
CA LEU D 49 24.95 5.04 -19.14
C LEU D 49 25.87 5.22 -20.35
N LYS D 50 27.11 4.74 -20.22
CA LYS D 50 28.04 4.83 -21.34
C LYS D 50 27.66 3.93 -22.52
N GLN D 51 27.21 2.69 -22.25
CA GLN D 51 26.64 1.93 -23.34
C GLN D 51 25.49 2.68 -24.07
N VAL D 52 24.43 3.13 -23.37
CA VAL D 52 23.29 3.70 -24.11
C VAL D 52 23.51 5.14 -24.56
N HIS D 53 24.33 5.92 -23.87
CA HIS D 53 24.44 7.32 -24.24
C HIS D 53 25.88 7.77 -24.05
N PRO D 54 26.76 7.50 -25.03
CA PRO D 54 28.17 7.68 -24.68
C PRO D 54 28.55 9.11 -24.35
N ASP D 55 27.89 10.10 -24.94
CA ASP D 55 28.27 11.50 -24.74
C ASP D 55 27.65 12.17 -23.50
N THR D 56 26.87 11.40 -22.75
CA THR D 56 26.10 11.91 -21.62
C THR D 56 26.66 11.50 -20.25
N GLY D 57 26.62 12.43 -19.31
CA GLY D 57 27.05 12.18 -17.95
C GLY D 57 25.89 12.27 -16.98
N ILE D 58 26.17 12.18 -15.69
CA ILE D 58 25.08 12.17 -14.74
C ILE D 58 25.51 12.79 -13.43
N SER D 59 24.61 13.57 -12.85
CA SER D 59 24.86 14.29 -11.59
C SER D 59 24.77 13.42 -10.37
N SER D 60 25.43 13.83 -9.29
CA SER D 60 25.40 13.04 -8.06
C SER D 60 23.94 12.90 -7.57
N LYS D 61 23.17 14.00 -7.58
CA LYS D 61 21.74 13.87 -7.28
C LYS D 61 21.02 12.79 -8.13
N ALA D 62 21.24 12.82 -9.44
CA ALA D 62 20.58 11.86 -10.35
C ALA D 62 21.04 10.43 -10.07
N MET D 63 22.33 10.28 -9.79
CA MET D 63 22.85 8.96 -9.49
C MET D 63 22.20 8.45 -8.23
N GLY D 64 21.94 9.34 -7.27
CA GLY D 64 21.28 8.97 -6.04
C GLY D 64 19.90 8.43 -6.36
N ILE D 65 19.15 9.20 -7.14
CA ILE D 65 17.87 8.69 -7.68
C ILE D 65 17.98 7.28 -8.33
N MET D 66 19.02 7.06 -9.14
CA MET D 66 19.16 5.74 -9.81
C MET D 66 19.48 4.63 -8.82
N ASN D 67 20.26 4.97 -7.80
CA ASN D 67 20.73 3.95 -6.88
C ASN D 67 19.57 3.55 -5.99
N SER D 68 18.78 4.53 -5.60
CA SER D 68 17.53 4.23 -4.93
C SER D 68 16.75 3.29 -5.81
N PHE D 69 16.62 3.64 -7.11
CA PHE D 69 15.87 2.82 -8.08
C PHE D 69 16.28 1.34 -8.14
N VAL D 70 17.57 1.09 -8.30
CA VAL D 70 18.03 -0.29 -8.31
C VAL D 70 17.71 -0.97 -6.97
N ASN D 71 17.92 -0.30 -5.85
CA ASN D 71 17.61 -0.91 -4.54
C ASN D 71 16.11 -1.21 -4.29
N ASP D 72 15.25 -0.26 -4.65
CA ASP D 72 13.81 -0.45 -4.58
C ASP D 72 13.40 -1.66 -5.44
N ILE D 73 13.80 -1.67 -6.72
CA ILE D 73 13.38 -2.80 -7.56
C ILE D 73 14.00 -4.13 -7.05
N PHE D 74 15.27 -4.11 -6.66
CA PHE D 74 15.86 -5.33 -6.08
C PHE D 74 14.99 -5.89 -4.98
N GLU D 75 14.63 -5.04 -4.02
CA GLU D 75 13.82 -5.50 -2.90
C GLU D 75 12.44 -5.96 -3.35
N ARG D 76 11.84 -5.29 -4.31
CA ARG D 76 10.52 -5.75 -4.74
C ARG D 76 10.62 -7.16 -5.34
N ILE D 77 11.53 -7.33 -6.32
CA ILE D 77 11.69 -8.62 -6.99
C ILE D 77 11.96 -9.69 -5.97
N ALA D 78 13.01 -9.45 -5.17
CA ALA D 78 13.46 -10.41 -4.19
C ALA D 78 12.34 -10.76 -3.20
N GLY D 79 11.65 -9.75 -2.66
CA GLY D 79 10.55 -9.98 -1.73
C GLY D 79 9.45 -10.85 -2.30
N GLU D 80 9.06 -10.53 -3.53
CA GLU D 80 7.97 -11.21 -4.22
C GLU D 80 8.30 -12.66 -4.47
N ALA D 81 9.58 -12.85 -4.80
CA ALA D 81 10.17 -14.15 -5.08
C ALA D 81 10.18 -15.00 -3.84
N SER D 82 10.53 -14.34 -2.76
CA SER D 82 10.59 -14.94 -1.43
C SER D 82 9.18 -15.46 -1.09
N ARG D 83 8.18 -14.63 -1.33
CA ARG D 83 6.82 -15.10 -1.15
C ARG D 83 6.53 -16.32 -2.01
N LEU D 84 7.02 -16.36 -3.26
CA LEU D 84 6.71 -17.56 -4.08
C LEU D 84 7.37 -18.84 -3.60
N ALA D 85 8.62 -18.74 -3.22
CA ALA D 85 9.27 -19.87 -2.61
C ALA D 85 8.43 -20.33 -1.42
N HIS D 86 8.03 -19.42 -0.54
CA HIS D 86 7.30 -19.87 0.64
C HIS D 86 5.94 -20.48 0.29
N TYR D 87 5.23 -19.89 -0.65
CA TYR D 87 3.90 -20.38 -1.00
C TYR D 87 3.95 -21.84 -1.44
N ASN D 88 5.05 -22.23 -2.06
CA ASN D 88 5.19 -23.57 -2.59
C ASN D 88 6.10 -24.46 -1.74
N LYS D 89 6.22 -24.09 -0.47
CA LYS D 89 7.00 -24.83 0.51
C LYS D 89 8.37 -25.22 -0.02
N ARG D 90 9.03 -24.29 -0.70
CA ARG D 90 10.39 -24.57 -1.15
C ARG D 90 11.32 -23.65 -0.40
N SER D 91 12.53 -24.13 -0.16
CA SER D 91 13.46 -23.50 0.76
C SER D 91 14.45 -22.70 -0.02
N THR D 92 14.30 -22.69 -1.33
CA THR D 92 15.33 -22.10 -2.17
C THR D 92 14.74 -21.28 -3.30
N ILE D 93 15.36 -20.14 -3.53
CA ILE D 93 14.97 -19.23 -4.58
C ILE D 93 15.85 -19.47 -5.77
N THR D 94 15.25 -19.98 -6.84
CA THR D 94 16.01 -20.16 -8.07
C THR D 94 15.54 -19.12 -9.07
N SER D 95 16.29 -19.03 -10.18
CA SER D 95 16.01 -18.07 -11.26
C SER D 95 14.58 -18.21 -11.78
N ARG D 96 13.95 -19.34 -11.52
CA ARG D 96 12.56 -19.48 -11.88
C ARG D 96 11.68 -18.56 -11.01
N GLU D 97 12.01 -18.49 -9.70
CA GLU D 97 11.31 -17.56 -8.80
C GLU D 97 11.55 -16.11 -9.18
N ILE D 98 12.82 -15.74 -9.42
CA ILE D 98 13.07 -14.39 -9.92
C ILE D 98 12.20 -14.08 -11.14
N GLN D 99 12.11 -15.02 -12.07
CA GLN D 99 11.29 -14.78 -13.25
C GLN D 99 9.79 -14.58 -12.99
N THR D 100 9.14 -15.49 -12.25
CA THR D 100 7.72 -15.33 -11.98
C THR D 100 7.53 -14.01 -11.29
N ALA D 101 8.46 -13.72 -10.39
CA ALA D 101 8.46 -12.50 -9.63
C ALA D 101 8.39 -11.33 -10.59
N VAL D 102 9.31 -11.30 -11.56
CA VAL D 102 9.30 -10.28 -12.58
C VAL D 102 7.94 -10.19 -13.31
N ARG D 103 7.35 -11.32 -13.63
CA ARG D 103 6.12 -11.26 -14.41
C ARG D 103 5.00 -10.62 -13.63
N LEU D 104 4.98 -10.89 -12.33
CA LEU D 104 4.03 -10.26 -11.42
C LEU D 104 4.33 -8.78 -11.16
N LEU D 105 5.60 -8.45 -10.91
CA LEU D 105 5.91 -7.06 -10.59
C LEU D 105 5.94 -6.10 -11.76
N LEU D 106 6.55 -6.47 -12.87
CA LEU D 106 6.72 -5.52 -13.98
C LEU D 106 5.53 -5.56 -14.91
N PRO D 107 5.25 -4.42 -15.56
CA PRO D 107 4.15 -4.34 -16.52
C PRO D 107 4.54 -4.66 -17.95
N GLY D 108 3.75 -5.51 -18.61
CA GLY D 108 3.77 -5.64 -20.05
C GLY D 108 5.09 -5.85 -20.80
N GLU D 109 5.38 -4.89 -21.65
CA GLU D 109 6.55 -4.92 -22.50
C GLU D 109 7.79 -4.99 -21.66
N LEU D 110 7.75 -4.31 -20.52
CA LEU D 110 8.90 -4.22 -19.65
C LEU D 110 9.20 -5.60 -19.11
N ALA D 111 8.13 -6.34 -18.82
CA ALA D 111 8.23 -7.73 -18.40
C ALA D 111 8.83 -8.61 -19.50
N LYS D 112 8.30 -8.47 -20.72
CA LYS D 112 8.79 -9.29 -21.83
C LYS D 112 10.29 -9.07 -22.01
N HIS D 113 10.68 -7.83 -22.21
CA HIS D 113 12.10 -7.57 -22.39
C HIS D 113 12.94 -7.98 -21.18
N ALA D 114 12.36 -7.90 -19.99
CA ALA D 114 13.11 -8.21 -18.78
C ALA D 114 13.42 -9.69 -18.76
N VAL D 115 12.38 -10.49 -18.94
CA VAL D 115 12.53 -11.93 -19.04
C VAL D 115 13.50 -12.35 -20.18
N SER D 116 13.52 -11.61 -21.29
CA SER D 116 14.53 -11.91 -22.30
C SER D 116 15.91 -11.71 -21.72
N GLU D 117 16.21 -10.50 -21.29
CA GLU D 117 17.57 -10.23 -20.79
C GLU D 117 18.00 -11.24 -19.73
N GLY D 118 17.04 -11.62 -18.88
CA GLY D 118 17.29 -12.55 -17.81
C GLY D 118 17.70 -13.90 -18.37
N THR D 119 16.79 -14.50 -19.13
CA THR D 119 16.99 -15.84 -19.66
C THR D 119 18.28 -15.88 -20.45
N LYS D 120 18.63 -14.77 -21.09
CA LYS D 120 19.78 -14.80 -21.94
C LYS D 120 21.02 -14.72 -21.09
N ALA D 121 20.92 -14.07 -19.94
CA ALA D 121 22.05 -14.10 -18.99
C ALA D 121 22.26 -15.47 -18.34
N VAL D 122 21.19 -16.13 -17.92
CA VAL D 122 21.35 -17.46 -17.32
C VAL D 122 21.86 -18.47 -18.32
N THR D 123 21.32 -18.50 -19.54
CA THR D 123 21.83 -19.43 -20.54
C THR D 123 23.29 -19.09 -20.82
N LYS D 124 23.61 -17.84 -21.14
CA LYS D 124 25.01 -17.49 -21.40
C LYS D 124 25.93 -17.89 -20.26
N TYR D 125 25.48 -17.71 -19.02
CA TYR D 125 26.28 -18.01 -17.84
C TYR D 125 26.51 -19.52 -17.65
N THR D 126 25.46 -20.31 -17.88
CA THR D 126 25.49 -21.77 -17.67
C THR D 126 26.57 -22.49 -18.48
N SER D 127 26.67 -22.13 -19.76
CA SER D 127 27.68 -22.66 -20.66
C SER D 127 29.08 -22.08 -20.39
N ALA D 128 29.31 -21.68 -19.14
CA ALA D 128 30.55 -21.01 -18.69
C ALA D 128 31.07 -19.95 -19.70
N PRO E 42 -1.26 52.82 -16.95
CA PRO E 42 -0.88 51.82 -15.95
C PRO E 42 -1.39 50.43 -16.35
N HIS E 43 -0.48 49.56 -16.77
CA HIS E 43 -0.90 48.35 -17.46
C HIS E 43 -1.35 47.32 -16.44
N ARG E 44 -2.19 46.39 -16.87
CA ARG E 44 -2.84 45.50 -15.92
C ARG E 44 -3.35 44.22 -16.59
N TYR E 45 -2.80 43.07 -16.19
CA TYR E 45 -3.21 41.77 -16.74
C TYR E 45 -4.56 41.38 -16.16
N ARG E 46 -5.39 40.75 -16.97
CA ARG E 46 -6.74 40.40 -16.54
C ARG E 46 -6.63 39.27 -15.53
N PRO E 47 -7.53 39.23 -14.52
CA PRO E 47 -7.47 38.17 -13.52
C PRO E 47 -7.47 36.79 -14.13
N GLY E 48 -6.46 36.01 -13.77
CA GLY E 48 -6.29 34.67 -14.27
C GLY E 48 -5.05 34.54 -15.12
N THR E 49 -4.69 35.63 -15.82
CA THR E 49 -3.57 35.61 -16.77
C THR E 49 -2.24 35.35 -16.08
N VAL E 50 -2.04 36.00 -14.96
CA VAL E 50 -0.81 35.77 -14.22
C VAL E 50 -0.85 34.40 -13.56
N ALA E 51 -2.04 33.95 -13.15
CA ALA E 51 -2.16 32.63 -12.54
C ALA E 51 -1.57 31.61 -13.48
N LEU E 52 -2.01 31.69 -14.73
CA LEU E 52 -1.52 30.81 -15.77
C LEU E 52 -0.02 31.02 -15.98
N ARG E 53 0.42 32.27 -15.94
CA ARG E 53 1.85 32.52 -16.11
C ARG E 53 2.62 31.71 -15.08
N GLU E 54 2.08 31.68 -13.88
CA GLU E 54 2.71 30.99 -12.77
C GLU E 54 2.65 29.49 -12.90
N ILE E 55 1.49 28.96 -13.26
CA ILE E 55 1.41 27.52 -13.45
C ILE E 55 2.51 27.10 -14.40
N ARG E 56 2.66 27.78 -15.54
CA ARG E 56 3.72 27.38 -16.47
C ARG E 56 5.08 27.51 -15.78
N ARG E 57 5.23 28.55 -14.98
CA ARG E 57 6.53 28.81 -14.37
C ARG E 57 6.93 27.75 -13.39
N TYR E 58 6.09 27.54 -12.39
CA TYR E 58 6.37 26.57 -11.35
C TYR E 58 6.26 25.15 -11.88
N GLN E 59 5.56 24.95 -13.01
CA GLN E 59 5.56 23.60 -13.59
C GLN E 59 6.83 23.36 -14.38
N LYS E 60 7.59 24.39 -14.68
CA LYS E 60 8.76 24.12 -15.51
C LYS E 60 9.97 23.90 -14.62
N SER E 61 9.86 24.25 -13.35
CA SER E 61 11.01 24.09 -12.45
C SER E 61 10.86 22.99 -11.42
N THR E 62 11.87 22.86 -10.57
CA THR E 62 11.84 21.85 -9.51
C THR E 62 12.28 22.33 -8.10
N GLU E 63 12.68 23.59 -8.00
CA GLU E 63 13.15 24.09 -6.73
C GLU E 63 12.02 23.94 -5.73
N LEU E 64 12.35 23.68 -4.46
CA LEU E 64 11.32 23.65 -3.39
C LEU E 64 10.62 24.99 -3.25
N LEU E 65 9.34 24.95 -2.90
CA LEU E 65 8.55 26.16 -2.90
C LEU E 65 8.28 26.73 -1.50
N ILE E 66 8.59 25.96 -0.46
CA ILE E 66 8.48 26.41 0.93
C ILE E 66 9.86 26.86 1.39
N ARG E 67 9.91 27.94 2.19
CA ARG E 67 11.22 28.43 2.60
C ARG E 67 11.85 27.46 3.56
N LYS E 68 13.16 27.31 3.46
CA LYS E 68 13.81 26.21 4.13
C LYS E 68 13.71 26.42 5.62
N LEU E 69 14.20 27.56 6.10
CA LEU E 69 14.25 27.79 7.54
C LEU E 69 12.90 27.61 8.25
N PRO E 70 11.83 28.36 7.83
CA PRO E 70 10.51 28.11 8.40
C PRO E 70 10.16 26.66 8.51
N PHE E 71 10.38 25.94 7.43
CA PHE E 71 10.02 24.53 7.37
C PHE E 71 10.82 23.72 8.37
N GLN E 72 12.11 24.01 8.49
CA GLN E 72 12.99 23.27 9.37
C GLN E 72 12.47 23.45 10.79
N ARG E 73 12.11 24.69 11.05
CA ARG E 73 11.63 25.11 12.35
C ARG E 73 10.37 24.30 12.68
N LEU E 74 9.48 24.19 11.70
CA LEU E 74 8.27 23.41 11.88
C LEU E 74 8.57 21.93 12.20
N VAL E 75 9.46 21.32 11.43
CA VAL E 75 9.77 19.91 11.68
C VAL E 75 10.36 19.69 13.06
N ARG E 76 11.19 20.61 13.53
CA ARG E 76 11.73 20.46 14.88
C ARG E 76 10.63 20.60 15.92
N GLU E 77 9.72 21.55 15.71
CA GLU E 77 8.63 21.67 16.63
C GLU E 77 7.90 20.34 16.76
N ILE E 78 7.32 19.87 15.68
CA ILE E 78 6.59 18.61 15.70
C ILE E 78 7.39 17.48 16.36
N ALA E 79 8.63 17.34 15.93
CA ALA E 79 9.44 16.24 16.41
C ALA E 79 9.62 16.34 17.87
N GLN E 80 9.80 17.56 18.34
CA GLN E 80 10.05 17.84 19.76
C GLN E 80 8.88 17.46 20.58
N ASP E 81 7.69 17.69 20.07
CA ASP E 81 6.54 17.22 20.81
C ASP E 81 6.52 15.70 20.80
N PHE E 82 7.23 15.04 19.91
CA PHE E 82 7.21 13.57 20.04
C PHE E 82 8.27 13.06 20.98
N LYS E 83 9.45 13.66 20.90
CA LYS E 83 10.59 13.29 21.70
C LYS E 83 11.51 14.49 21.77
N THR E 84 12.03 14.75 22.95
CA THR E 84 12.70 15.98 23.25
C THR E 84 14.15 15.79 22.97
N ASP E 85 14.86 16.88 22.69
CA ASP E 85 16.29 16.79 22.47
C ASP E 85 16.64 15.77 21.39
N LEU E 86 16.06 15.99 20.21
CA LEU E 86 16.36 15.23 19.01
C LEU E 86 17.29 16.09 18.18
N ARG E 87 18.12 15.45 17.38
CA ARG E 87 18.85 16.23 16.39
C ARG E 87 18.53 15.67 15.03
N PHE E 88 18.65 16.51 14.01
CA PHE E 88 18.27 16.15 12.65
C PHE E 88 19.45 16.29 11.71
N GLN E 89 19.75 15.25 10.95
CA GLN E 89 20.67 15.39 9.83
C GLN E 89 20.02 16.37 8.86
N SER E 90 20.80 17.25 8.22
CA SER E 90 20.20 18.19 7.26
C SER E 90 19.49 17.41 6.18
N SER E 91 20.07 16.27 5.81
CA SER E 91 19.45 15.35 4.86
C SER E 91 18.03 15.01 5.29
N ALA E 92 17.85 14.67 6.57
CA ALA E 92 16.53 14.26 7.00
C ALA E 92 15.53 15.33 6.71
N VAL E 93 15.93 16.58 6.99
CA VAL E 93 14.99 17.66 6.87
C VAL E 93 14.64 17.83 5.42
N MET E 94 15.67 17.86 4.57
CA MET E 94 15.44 17.99 3.11
C MET E 94 14.58 16.86 2.58
N ALA E 95 14.78 15.64 3.08
CA ALA E 95 13.92 14.55 2.67
C ALA E 95 12.49 14.91 3.03
N LEU E 96 12.28 15.39 4.23
CA LEU E 96 10.93 15.70 4.67
C LEU E 96 10.30 16.73 3.76
N GLN E 97 11.08 17.72 3.38
CA GLN E 97 10.53 18.76 2.53
C GLN E 97 10.18 18.23 1.18
N GLU E 98 11.06 17.45 0.51
CA GLU E 98 10.76 16.89 -0.80
C GLU E 98 9.48 16.06 -0.68
N ALA E 99 9.40 15.21 0.32
CA ALA E 99 8.26 14.34 0.51
C ALA E 99 7.00 15.15 0.60
N CYS E 100 7.09 16.26 1.35
CA CYS E 100 5.92 17.01 1.77
C CYS E 100 5.42 17.80 0.63
N GLU E 101 6.34 18.51 -0.03
CA GLU E 101 5.96 19.34 -1.16
C GLU E 101 5.42 18.43 -2.26
N ALA E 102 6.07 17.32 -2.58
CA ALA E 102 5.54 16.39 -3.60
C ALA E 102 4.10 15.95 -3.25
N TYR E 103 3.87 15.66 -1.97
CA TYR E 103 2.55 15.24 -1.51
C TYR E 103 1.50 16.34 -1.74
N LEU E 104 1.76 17.54 -1.22
CA LEU E 104 0.79 18.61 -1.35
C LEU E 104 0.52 18.87 -2.79
N VAL E 105 1.55 18.80 -3.64
CA VAL E 105 1.31 19.10 -5.05
C VAL E 105 0.41 18.05 -5.70
N GLY E 106 0.69 16.76 -5.50
CA GLY E 106 -0.24 15.76 -5.98
C GLY E 106 -1.66 16.00 -5.46
N LEU E 107 -1.74 16.44 -4.20
CA LEU E 107 -3.04 16.66 -3.57
C LEU E 107 -3.76 17.82 -4.22
N PHE E 108 -3.02 18.85 -4.61
CA PHE E 108 -3.65 19.96 -5.29
C PHE E 108 -4.10 19.53 -6.67
N GLU E 109 -3.35 18.63 -7.33
CA GLU E 109 -3.80 18.12 -8.65
C GLU E 109 -5.17 17.46 -8.51
N ASP E 110 -5.31 16.58 -7.51
CA ASP E 110 -6.61 15.92 -7.28
C ASP E 110 -7.71 16.90 -6.86
N THR E 111 -7.35 17.80 -5.97
CA THR E 111 -8.24 18.86 -5.54
C THR E 111 -8.77 19.60 -6.76
N ASN E 112 -7.85 19.95 -7.66
CA ASN E 112 -8.18 20.67 -8.87
C ASN E 112 -9.15 19.95 -9.73
N LEU E 113 -8.90 18.66 -9.94
CA LEU E 113 -9.87 17.87 -10.68
C LEU E 113 -11.24 17.92 -9.98
N CYS E 114 -11.28 17.97 -8.65
CA CYS E 114 -12.60 18.01 -8.01
C CYS E 114 -13.34 19.35 -8.18
N ALA E 115 -12.57 20.44 -8.19
CA ALA E 115 -13.11 21.73 -8.56
C ALA E 115 -13.64 21.68 -9.99
N ILE E 116 -12.85 21.15 -10.93
CA ILE E 116 -13.31 21.06 -12.30
C ILE E 116 -14.60 20.25 -12.40
N HIS E 117 -14.62 19.15 -11.67
CA HIS E 117 -15.75 18.23 -11.68
C HIS E 117 -17.00 18.94 -11.26
N ALA E 118 -16.84 19.90 -10.35
CA ALA E 118 -18.01 20.61 -9.84
C ALA E 118 -18.30 21.82 -10.69
N LYS E 119 -17.78 21.82 -11.91
CA LYS E 119 -18.02 22.92 -12.83
C LYS E 119 -17.54 24.25 -12.24
N ARG E 120 -16.55 24.17 -11.36
CA ARG E 120 -15.85 25.36 -10.86
C ARG E 120 -14.41 25.39 -11.34
N VAL E 121 -13.75 26.53 -11.14
CA VAL E 121 -12.38 26.73 -11.56
C VAL E 121 -11.53 27.12 -10.33
N THR E 122 -12.22 27.33 -9.22
CA THR E 122 -11.66 27.70 -7.93
C THR E 122 -11.65 26.49 -6.99
N ILE E 123 -10.49 26.15 -6.42
CA ILE E 123 -10.44 25.01 -5.50
C ILE E 123 -10.89 25.48 -4.14
N MET E 124 -11.66 24.65 -3.44
CA MET E 124 -12.13 24.97 -2.09
C MET E 124 -11.92 23.80 -1.12
N PRO E 125 -11.93 24.07 0.20
CA PRO E 125 -11.84 23.00 1.19
C PRO E 125 -12.73 21.79 0.87
N LYS E 126 -13.90 22.05 0.33
CA LYS E 126 -14.81 21.01 -0.08
C LYS E 126 -14.03 20.00 -0.97
N ASP E 127 -13.25 20.53 -1.88
CA ASP E 127 -12.50 19.73 -2.82
C ASP E 127 -11.33 18.95 -2.19
N ILE E 128 -10.55 19.60 -1.32
CA ILE E 128 -9.47 18.89 -0.66
C ILE E 128 -10.06 17.74 0.12
N GLN E 129 -11.20 17.99 0.74
CA GLN E 129 -11.85 16.96 1.54
C GLN E 129 -12.26 15.79 0.65
N LEU E 130 -12.82 16.07 -0.52
CA LEU E 130 -13.24 14.97 -1.38
C LEU E 130 -12.02 14.17 -1.95
N ALA E 131 -10.94 14.88 -2.25
CA ALA E 131 -9.70 14.24 -2.65
C ALA E 131 -9.16 13.33 -1.54
N ARG E 132 -9.10 13.85 -0.33
CA ARG E 132 -8.52 13.06 0.73
C ARG E 132 -9.45 11.92 1.09
N ARG E 133 -10.74 12.07 0.84
CA ARG E 133 -11.60 10.97 1.20
C ARG E 133 -11.50 9.86 0.18
N ILE E 134 -11.43 10.21 -1.09
CA ILE E 134 -11.39 9.16 -2.11
C ILE E 134 -10.07 8.41 -2.11
N ARG E 135 -8.96 9.14 -1.98
CA ARG E 135 -7.62 8.58 -1.82
C ARG E 135 -7.52 7.63 -0.62
N GLY E 136 -8.43 7.74 0.33
CA GLY E 136 -8.45 6.87 1.50
C GLY E 136 -7.70 7.44 2.68
N GLU E 137 -7.31 8.68 2.56
CA GLU E 137 -6.51 9.30 3.60
C GLU E 137 -7.33 9.59 4.82
N ARG E 138 -8.65 9.56 4.65
CA ARG E 138 -9.57 9.90 5.76
C ARG E 138 -10.87 9.09 5.75
N ALA E 139 -11.50 8.99 6.92
CA ALA E 139 -12.82 8.37 7.02
C ALA E 139 -13.82 9.30 6.36
N ARG F 21 23.54 25.13 27.38
CA ARG F 21 22.47 26.08 27.07
C ARG F 21 21.43 25.42 26.14
N HIS F 22 20.32 26.12 25.87
CA HIS F 22 19.12 25.58 25.22
C HIS F 22 18.55 26.68 24.31
N ARG F 23 17.70 26.31 23.35
CA ARG F 23 17.27 27.26 22.31
C ARG F 23 15.90 27.87 22.56
N LYS F 24 15.60 28.96 21.85
CA LYS F 24 14.31 29.62 22.00
C LYS F 24 13.20 28.59 21.71
N VAL F 25 12.18 28.59 22.56
CA VAL F 25 11.05 27.70 22.47
C VAL F 25 10.39 27.80 21.12
N LEU F 26 10.18 26.66 20.46
CA LEU F 26 9.48 26.64 19.17
C LEU F 26 7.98 26.65 19.36
N ARG F 27 7.29 27.62 18.75
CA ARG F 27 5.81 27.68 18.84
C ARG F 27 5.19 28.29 17.60
N ASP F 28 4.05 27.73 17.22
CA ASP F 28 3.25 28.24 16.11
C ASP F 28 3.99 28.30 14.77
N ASN F 29 4.82 27.31 14.49
CA ASN F 29 5.56 27.37 13.26
C ASN F 29 4.86 26.88 12.01
N ILE F 30 3.68 26.28 12.17
CA ILE F 30 2.88 25.88 11.02
C ILE F 30 2.56 27.16 10.26
N GLN F 31 2.50 28.30 10.93
CA GLN F 31 2.12 29.55 10.28
C GLN F 31 3.28 30.04 9.46
N GLY F 32 4.40 29.37 9.59
CA GLY F 32 5.55 29.67 8.76
C GLY F 32 5.30 29.28 7.30
N ILE F 33 4.44 28.28 7.09
CA ILE F 33 4.03 27.87 5.79
C ILE F 33 3.04 28.92 5.27
N THR F 34 3.58 30.00 4.71
CA THR F 34 2.81 31.20 4.41
C THR F 34 1.82 31.01 3.28
N LYS F 35 1.00 32.02 3.02
CA LYS F 35 0.02 31.99 1.92
C LYS F 35 0.68 31.98 0.53
N PRO F 36 1.69 32.84 0.30
CA PRO F 36 2.36 32.67 -0.97
C PRO F 36 2.93 31.27 -1.26
N ALA F 37 3.57 30.63 -0.28
CA ALA F 37 4.16 29.29 -0.49
C ALA F 37 3.08 28.32 -0.87
N ILE F 38 1.99 28.32 -0.11
CA ILE F 38 0.88 27.43 -0.43
C ILE F 38 0.38 27.73 -1.85
N ARG F 39 0.34 29.00 -2.25
CA ARG F 39 -0.07 29.30 -3.63
C ARG F 39 0.92 28.75 -4.71
N ARG F 40 2.23 28.78 -4.45
CA ARG F 40 3.19 28.21 -5.38
C ARG F 40 2.95 26.72 -5.50
N LEU F 41 2.74 26.06 -4.37
CA LEU F 41 2.51 24.62 -4.41
C LEU F 41 1.30 24.35 -5.27
N ALA F 42 0.23 25.10 -5.06
CA ALA F 42 -0.95 24.96 -5.91
C ALA F 42 -0.68 25.24 -7.42
N ARG F 43 0.17 26.21 -7.72
CA ARG F 43 0.44 26.52 -9.13
C ARG F 43 1.13 25.33 -9.76
N ARG F 44 2.13 24.79 -9.08
CA ARG F 44 2.77 23.60 -9.62
C ARG F 44 1.74 22.50 -9.79
N GLY F 45 0.72 22.49 -8.95
CA GLY F 45 -0.31 21.48 -9.01
C GLY F 45 -1.37 21.76 -10.04
N GLY F 46 -1.18 22.86 -10.77
CA GLY F 46 -2.08 23.24 -11.85
C GLY F 46 -3.29 24.06 -11.47
N VAL F 47 -3.31 24.65 -10.28
CA VAL F 47 -4.47 25.38 -9.80
C VAL F 47 -4.44 26.84 -10.20
N LYS F 48 -5.54 27.33 -10.77
CA LYS F 48 -5.65 28.68 -11.28
C LYS F 48 -6.24 29.63 -10.25
N ARG F 49 -7.34 29.24 -9.63
CA ARG F 49 -8.04 30.09 -8.68
C ARG F 49 -8.22 29.36 -7.36
N ILE F 50 -8.06 30.10 -6.27
CA ILE F 50 -7.97 29.51 -4.93
C ILE F 50 -8.89 30.14 -3.86
N SER F 51 -9.82 29.36 -3.35
CA SER F 51 -10.67 29.83 -2.27
C SER F 51 -9.86 30.30 -1.06
N GLY F 52 -10.26 31.39 -0.43
CA GLY F 52 -9.50 31.96 0.69
C GLY F 52 -9.42 31.07 1.93
N LEU F 53 -10.31 30.10 2.01
CA LEU F 53 -10.30 29.12 3.07
C LEU F 53 -9.28 28.00 2.87
N ILE F 54 -8.66 27.96 1.70
CA ILE F 54 -7.74 26.88 1.35
C ILE F 54 -6.51 26.89 2.24
N TYR F 55 -5.95 28.06 2.53
CA TYR F 55 -4.65 28.14 3.22
C TYR F 55 -4.66 27.46 4.58
N GLU F 56 -5.72 27.66 5.37
CA GLU F 56 -5.76 26.95 6.65
C GLU F 56 -5.97 25.47 6.41
N GLU F 57 -6.78 25.10 5.40
CA GLU F 57 -7.00 23.66 5.13
C GLU F 57 -5.66 23.00 4.94
N THR F 58 -4.91 23.59 4.02
CA THR F 58 -3.60 23.09 3.64
C THR F 58 -2.70 23.01 4.83
N ARG F 59 -2.65 24.03 5.67
CA ARG F 59 -1.79 23.91 6.82
C ARG F 59 -2.26 22.72 7.71
N GLY F 60 -3.56 22.46 7.76
CA GLY F 60 -4.04 21.36 8.59
C GLY F 60 -3.48 20.09 8.04
N VAL F 61 -3.67 19.88 6.74
CA VAL F 61 -3.33 18.65 6.04
C VAL F 61 -1.83 18.41 6.02
N LEU F 62 -1.11 19.49 5.84
CA LEU F 62 0.33 19.44 5.90
C LEU F 62 0.71 18.97 7.27
N LYS F 63 0.13 19.58 8.30
CA LYS F 63 0.50 19.23 9.67
C LYS F 63 0.28 17.75 9.94
N VAL F 64 -0.88 17.18 9.56
CA VAL F 64 -1.11 15.75 9.80
C VAL F 64 -0.08 14.87 9.08
N PHE F 65 0.18 15.20 7.82
CA PHE F 65 1.20 14.50 7.06
C PHE F 65 2.55 14.50 7.79
N LEU F 66 3.11 15.66 8.11
CA LEU F 66 4.37 15.70 8.89
C LEU F 66 4.33 14.95 10.21
N GLU F 67 3.21 15.03 10.91
CA GLU F 67 3.14 14.34 12.17
C GLU F 67 3.30 12.85 11.90
N ASN F 68 2.59 12.33 10.92
CA ASN F 68 2.64 10.89 10.72
C ASN F 68 4.04 10.43 10.25
N VAL F 69 4.60 11.12 9.27
CA VAL F 69 5.92 10.73 8.80
C VAL F 69 6.94 10.83 9.94
N ILE F 70 6.94 11.97 10.63
CA ILE F 70 7.91 12.17 11.69
C ILE F 70 7.71 11.19 12.85
N ARG F 71 6.47 10.87 13.19
CA ARG F 71 6.21 9.93 14.28
C ARG F 71 6.91 8.63 14.00
N ASP F 72 6.76 8.16 12.76
CA ASP F 72 7.43 6.93 12.40
C ASP F 72 8.94 7.08 12.39
N ALA F 73 9.42 8.19 11.83
CA ALA F 73 10.86 8.39 11.70
C ALA F 73 11.50 8.33 13.08
N VAL F 74 10.93 9.11 13.98
CA VAL F 74 11.42 9.25 15.31
C VAL F 74 11.34 7.87 15.97
N THR F 75 10.26 7.11 15.72
CA THR F 75 10.19 5.74 16.23
C THR F 75 11.37 4.90 15.77
N TYR F 76 11.80 5.04 14.51
CA TYR F 76 13.01 4.33 14.09
C TYR F 76 14.21 4.87 14.85
N THR F 77 14.27 6.18 15.10
CA THR F 77 15.44 6.76 15.75
C THR F 77 15.61 6.22 17.14
N GLU F 78 14.49 6.18 17.85
CA GLU F 78 14.44 5.66 19.21
C GLU F 78 14.78 4.17 19.18
N HIS F 79 14.28 3.45 18.20
CA HIS F 79 14.56 2.01 18.23
C HIS F 79 16.05 1.74 18.07
N ALA F 80 16.73 2.58 17.32
CA ALA F 80 18.17 2.43 17.11
C ALA F 80 18.97 2.93 18.33
N LYS F 81 18.27 3.33 19.40
CA LYS F 81 18.94 3.92 20.54
C LYS F 81 19.82 5.11 20.11
N ARG F 82 19.28 5.97 19.23
CA ARG F 82 19.98 7.18 18.76
C ARG F 82 19.31 8.49 19.11
N LYS F 83 20.09 9.57 19.07
CA LYS F 83 19.55 10.88 19.41
C LYS F 83 19.37 11.75 18.16
N THR F 84 19.80 11.20 17.02
CA THR F 84 19.72 11.90 15.74
C THR F 84 18.78 11.22 14.75
N VAL F 85 17.81 11.98 14.26
CA VAL F 85 16.94 11.53 13.18
C VAL F 85 17.75 11.58 11.87
N THR F 86 17.95 10.45 11.20
CA THR F 86 18.72 10.45 9.94
C THR F 86 17.83 10.49 8.71
N ALA F 87 18.44 10.78 7.58
CA ALA F 87 17.70 10.72 6.33
C ALA F 87 17.12 9.31 6.17
N MET F 88 17.88 8.26 6.52
CA MET F 88 17.35 6.90 6.38
C MET F 88 16.11 6.69 7.24
N ASP F 89 16.07 7.35 8.40
CA ASP F 89 14.93 7.18 9.28
C ASP F 89 13.68 7.73 8.61
N VAL F 90 13.84 8.92 8.06
CA VAL F 90 12.79 9.56 7.30
C VAL F 90 12.35 8.70 6.13
N VAL F 91 13.32 8.17 5.37
CA VAL F 91 13.05 7.41 4.15
C VAL F 91 12.30 6.12 4.45
N TYR F 92 12.69 5.47 5.53
CA TYR F 92 11.93 4.33 6.01
C TYR F 92 10.51 4.71 6.39
N ALA F 93 10.36 5.89 6.96
CA ALA F 93 9.03 6.35 7.37
C ALA F 93 8.15 6.54 6.18
N LEU F 94 8.68 7.28 5.21
CA LEU F 94 8.02 7.50 3.92
C LEU F 94 7.64 6.17 3.33
N LYS F 95 8.57 5.22 3.31
CA LYS F 95 8.22 3.93 2.73
C LYS F 95 7.07 3.24 3.44
N ARG F 96 7.06 3.29 4.76
CA ARG F 96 5.99 2.67 5.54
C ARG F 96 4.67 3.25 5.11
N GLN F 97 4.62 4.58 5.01
CA GLN F 97 3.39 5.28 4.68
C GLN F 97 3.12 5.16 3.18
N GLY F 98 3.91 4.39 2.45
CA GLY F 98 3.64 4.25 1.05
C GLY F 98 3.84 5.57 0.32
N ARG F 99 4.90 6.31 0.67
CA ARG F 99 5.24 7.53 -0.05
C ARG F 99 6.71 7.42 -0.42
N THR F 100 7.11 6.30 -0.99
CA THR F 100 8.53 6.00 -1.16
C THR F 100 9.35 7.15 -1.77
N LEU F 101 10.42 7.54 -1.11
CA LEU F 101 11.18 8.65 -1.65
C LEU F 101 12.55 8.21 -2.20
N TYR F 102 12.89 8.66 -3.41
CA TYR F 102 14.20 8.38 -4.02
C TYR F 102 15.15 9.56 -3.88
N GLY F 103 16.40 9.29 -3.58
CA GLY F 103 17.41 10.31 -3.66
C GLY F 103 18.16 10.56 -2.37
N PHE F 104 17.79 9.87 -1.29
CA PHE F 104 18.44 10.19 -0.03
C PHE F 104 19.07 8.99 0.64
N GLY F 105 19.39 7.95 -0.11
CA GLY F 105 19.96 6.78 0.49
C GLY F 105 18.85 5.76 0.44
N GLY F 106 19.13 4.53 0.85
CA GLY F 106 18.08 3.53 0.93
C GLY F 106 17.89 2.59 -0.23
N ALA G 16 12.10 -33.95 34.57
CA ALA G 16 11.16 -32.85 34.82
C ALA G 16 9.94 -32.88 33.89
N LYS G 17 8.88 -32.23 34.34
CA LYS G 17 7.60 -32.17 33.64
C LYS G 17 7.49 -31.02 32.60
N ALA G 18 6.56 -31.15 31.65
CA ALA G 18 6.37 -30.16 30.60
C ALA G 18 5.42 -29.05 31.04
N LYS G 19 5.84 -27.81 30.78
CA LYS G 19 5.01 -26.62 30.93
C LYS G 19 4.99 -25.84 29.60
N THR G 20 3.84 -25.82 28.91
CA THR G 20 3.78 -25.14 27.63
C THR G 20 4.14 -23.67 27.84
N ARG G 21 5.00 -23.13 26.99
CA ARG G 21 5.45 -21.73 27.11
C ARG G 21 4.29 -20.76 27.21
N SER G 22 3.20 -21.09 26.52
CA SER G 22 1.97 -20.31 26.58
C SER G 22 1.46 -20.25 28.01
N SER G 23 1.47 -21.38 28.68
CA SER G 23 0.99 -21.46 30.05
C SER G 23 1.87 -20.61 30.98
N ARG G 24 3.18 -20.66 30.80
CA ARG G 24 4.05 -19.86 31.64
C ARG G 24 3.93 -18.38 31.29
N ALA G 25 3.38 -18.10 30.11
CA ALA G 25 3.20 -16.72 29.69
C ALA G 25 1.78 -16.26 29.95
N GLY G 26 0.96 -17.20 30.42
CA GLY G 26 -0.38 -16.89 30.84
C GLY G 26 -1.18 -16.49 29.64
N LEU G 27 -1.06 -17.26 28.57
CA LEU G 27 -1.76 -16.98 27.32
C LEU G 27 -2.58 -18.15 26.84
N GLN G 28 -3.56 -17.88 25.99
CA GLN G 28 -4.28 -18.93 25.28
C GLN G 28 -3.60 -19.23 23.96
N PHE G 29 -3.07 -18.20 23.29
CA PHE G 29 -2.48 -18.37 21.97
C PHE G 29 -1.17 -19.12 22.06
N PRO G 30 -0.90 -19.97 21.06
CA PRO G 30 0.21 -20.93 21.06
C PRO G 30 1.58 -20.33 20.84
N VAL G 31 2.35 -20.17 21.91
CA VAL G 31 3.67 -19.58 21.81
C VAL G 31 4.65 -20.41 20.99
N GLY G 32 4.66 -21.72 21.21
CA GLY G 32 5.62 -22.56 20.54
C GLY G 32 5.44 -22.39 19.06
N ARG G 33 4.21 -22.53 18.60
CA ARG G 33 3.86 -22.47 17.19
C ARG G 33 4.29 -21.17 16.58
N VAL G 34 3.95 -20.07 17.25
CA VAL G 34 4.40 -18.76 16.79
C VAL G 34 5.92 -18.69 16.66
N HIS G 35 6.63 -19.31 17.59
CA HIS G 35 8.09 -19.34 17.48
C HIS G 35 8.50 -20.10 16.20
N ARG G 36 7.81 -21.21 15.92
CA ARG G 36 8.11 -22.00 14.74
C ARG G 36 7.90 -21.16 13.47
N LEU G 37 6.74 -20.52 13.39
CA LEU G 37 6.41 -19.69 12.25
C LEU G 37 7.43 -18.58 12.10
N LEU G 38 8.00 -18.13 13.21
CA LEU G 38 9.01 -17.10 13.10
C LEU G 38 10.28 -17.62 12.47
N ARG G 39 10.74 -18.81 12.88
CA ARG G 39 11.90 -19.45 12.24
C ARG G 39 11.64 -19.80 10.75
N LYS G 40 10.55 -20.52 10.51
CA LYS G 40 10.17 -21.00 9.19
C LYS G 40 9.95 -19.86 8.19
N GLY G 41 9.59 -18.68 8.69
CA GLY G 41 9.25 -17.59 7.79
C GLY G 41 10.42 -16.77 7.24
N ASN G 42 11.64 -17.13 7.61
CA ASN G 42 12.82 -16.42 7.12
C ASN G 42 12.72 -14.92 7.37
N TYR G 43 12.48 -14.53 8.62
CA TYR G 43 12.42 -13.12 9.01
C TYR G 43 13.74 -12.56 9.54
N SER G 44 14.53 -13.45 10.11
CA SER G 44 15.87 -13.11 10.56
C SER G 44 16.57 -14.40 10.81
N GLU G 45 17.90 -14.34 10.85
CA GLU G 45 18.70 -15.54 11.04
C GLU G 45 18.31 -16.18 12.38
N ARG G 46 18.09 -15.35 13.40
CA ARG G 46 17.81 -15.80 14.77
C ARG G 46 16.55 -15.20 15.42
N VAL G 47 15.96 -15.91 16.39
CA VAL G 47 14.72 -15.47 17.03
C VAL G 47 14.82 -15.49 18.56
N GLY G 48 14.68 -14.33 19.19
CA GLY G 48 14.79 -14.20 20.63
C GLY G 48 13.74 -15.00 21.41
N ALA G 49 14.01 -15.23 22.69
CA ALA G 49 13.19 -16.15 23.47
C ALA G 49 11.84 -15.55 23.83
N GLY G 50 11.80 -14.21 23.87
CA GLY G 50 10.62 -13.50 24.31
C GLY G 50 9.73 -13.04 23.18
N ALA G 51 10.31 -12.96 21.98
CA ALA G 51 9.61 -12.46 20.81
C ALA G 51 8.36 -13.29 20.46
N PRO G 52 8.45 -14.62 20.44
CA PRO G 52 7.18 -15.33 20.22
C PRO G 52 6.18 -15.16 21.37
N VAL G 53 6.67 -14.87 22.57
CA VAL G 53 5.78 -14.61 23.70
C VAL G 53 5.06 -13.29 23.47
N TYR G 54 5.83 -12.27 23.18
CA TYR G 54 5.27 -10.96 22.94
C TYR G 54 4.25 -11.04 21.80
N LEU G 55 4.66 -11.70 20.71
CA LEU G 55 3.84 -11.74 19.50
C LEU G 55 2.55 -12.50 19.74
N ALA G 56 2.64 -13.63 20.45
CA ALA G 56 1.44 -14.43 20.72
C ALA G 56 0.50 -13.59 21.57
N ALA G 57 1.07 -12.87 22.55
CA ALA G 57 0.29 -11.96 23.38
C ALA G 57 -0.48 -10.95 22.54
N VAL G 58 0.19 -10.24 21.66
CA VAL G 58 -0.49 -9.27 20.79
C VAL G 58 -1.58 -9.92 19.92
N LEU G 59 -1.27 -11.06 19.33
CA LEU G 59 -2.26 -11.76 18.51
C LEU G 59 -3.51 -12.14 19.32
N GLU G 60 -3.29 -12.58 20.56
CA GLU G 60 -4.40 -12.93 21.44
C GLU G 60 -5.21 -11.72 21.80
N TYR G 61 -4.49 -10.64 22.12
CA TYR G 61 -5.16 -9.41 22.47
C TYR G 61 -6.09 -8.95 21.37
N LEU G 62 -5.54 -8.75 20.17
CA LEU G 62 -6.30 -8.25 19.00
C LEU G 62 -7.49 -9.14 18.74
N THR G 63 -7.24 -10.46 18.77
CA THR G 63 -8.33 -11.40 18.65
C THR G 63 -9.43 -11.13 19.69
N ALA G 64 -9.02 -10.87 20.92
CA ALA G 64 -9.97 -10.69 22.00
C ALA G 64 -10.85 -9.50 21.72
N GLU G 65 -10.20 -8.41 21.35
CA GLU G 65 -10.89 -7.14 21.12
C GLU G 65 -11.95 -7.34 20.00
N ILE G 66 -11.50 -7.86 18.86
CA ILE G 66 -12.42 -8.18 17.76
C ILE G 66 -13.58 -9.08 18.20
N LEU G 67 -13.30 -10.16 18.93
CA LEU G 67 -14.35 -11.10 19.33
C LEU G 67 -15.34 -10.46 20.29
N GLU G 68 -14.83 -9.60 21.16
CA GLU G 68 -15.68 -8.90 22.08
C GLU G 68 -16.70 -8.09 21.33
N LEU G 69 -16.21 -7.19 20.45
CA LEU G 69 -17.11 -6.27 19.77
C LEU G 69 -18.04 -6.98 18.79
N ALA G 70 -17.54 -8.00 18.14
CA ALA G 70 -18.37 -8.76 17.22
C ALA G 70 -19.44 -9.51 17.98
N GLY G 71 -19.08 -10.05 19.15
CA GLY G 71 -20.03 -10.69 20.04
C GLY G 71 -21.13 -9.74 20.45
N ASN G 72 -20.75 -8.51 20.81
CA ASN G 72 -21.72 -7.47 21.12
C ASN G 72 -22.69 -7.31 19.96
N ALA G 73 -22.12 -7.17 18.75
CA ALA G 73 -22.93 -7.02 17.52
C ALA G 73 -23.85 -8.21 17.27
N ALA G 74 -23.41 -9.39 17.67
CA ALA G 74 -24.21 -10.60 17.59
C ALA G 74 -25.40 -10.48 18.52
N ARG G 75 -25.16 -10.05 19.75
CA ARG G 75 -26.24 -9.84 20.70
C ARG G 75 -27.24 -8.81 20.16
N ASP G 76 -26.75 -7.71 19.58
CA ASP G 76 -27.66 -6.67 19.10
C ASP G 76 -28.56 -7.18 17.98
N ASN G 77 -28.07 -8.12 17.18
CA ASN G 77 -28.87 -8.63 16.07
C ASN G 77 -29.39 -9.98 16.60
N LYS G 78 -29.35 -10.08 17.93
CA LYS G 78 -30.09 -11.04 18.75
C LYS G 78 -29.68 -12.48 18.36
N LYS G 79 -28.45 -12.63 17.91
CA LYS G 79 -27.99 -13.95 17.50
C LYS G 79 -26.95 -14.37 18.54
N THR G 80 -26.76 -15.68 18.71
CA THR G 80 -25.86 -16.14 19.73
C THR G 80 -24.59 -16.68 19.08
N ARG G 81 -24.62 -16.73 17.75
CA ARG G 81 -23.51 -17.21 16.93
C ARG G 81 -23.01 -16.10 16.04
N ILE G 82 -21.72 -15.79 16.18
CA ILE G 82 -21.11 -14.75 15.39
C ILE G 82 -20.89 -15.22 13.96
N ILE G 83 -21.48 -14.51 13.00
CA ILE G 83 -21.30 -14.72 11.56
C ILE G 83 -20.46 -13.57 10.99
N PRO G 84 -19.96 -13.70 9.74
CA PRO G 84 -19.12 -12.61 9.21
C PRO G 84 -19.71 -11.20 9.32
N ARG G 85 -21.02 -11.06 9.18
CA ARG G 85 -21.66 -9.75 9.28
C ARG G 85 -21.36 -9.09 10.61
N HIS G 86 -21.34 -9.86 11.68
CA HIS G 86 -21.16 -9.28 13.00
C HIS G 86 -19.74 -8.77 13.14
N LEU G 87 -18.81 -9.51 12.56
CA LEU G 87 -17.43 -9.06 12.48
C LEU G 87 -17.31 -7.77 11.67
N GLN G 88 -18.02 -7.68 10.56
CA GLN G 88 -17.92 -6.46 9.74
C GLN G 88 -18.44 -5.26 10.54
N LEU G 89 -19.64 -5.40 11.11
CA LEU G 89 -20.19 -4.35 11.97
C LEU G 89 -19.20 -3.96 13.07
N ALA G 90 -18.61 -4.95 13.75
CA ALA G 90 -17.62 -4.69 14.80
C ALA G 90 -16.35 -3.98 14.33
N ILE G 91 -15.86 -4.32 13.14
CA ILE G 91 -14.64 -3.69 12.62
C ILE G 91 -14.91 -2.25 12.20
N ARG G 92 -15.98 -2.05 11.43
CA ARG G 92 -16.21 -0.74 10.80
C ARG G 92 -16.81 0.29 11.80
N ASN G 93 -17.43 -0.18 12.87
CA ASN G 93 -17.97 0.75 13.84
C ASN G 93 -16.94 1.14 14.90
N ASP G 94 -15.78 0.50 14.88
CA ASP G 94 -14.71 0.88 15.79
C ASP G 94 -13.63 1.60 15.02
N GLU G 95 -13.29 2.81 15.41
CA GLU G 95 -12.39 3.61 14.59
C GLU G 95 -11.02 2.95 14.39
N GLU G 96 -10.43 2.46 15.47
CA GLU G 96 -9.04 1.94 15.43
C GLU G 96 -8.92 0.59 14.71
N LEU G 97 -9.87 -0.31 14.95
CA LEU G 97 -9.87 -1.56 14.21
C LEU G 97 -10.10 -1.27 12.75
N ASN G 98 -11.00 -0.34 12.47
CA ASN G 98 -11.26 0.03 11.09
C ASN G 98 -10.03 0.65 10.42
N LYS G 99 -9.17 1.36 11.14
CA LYS G 99 -8.00 1.90 10.47
C LYS G 99 -7.02 0.78 10.20
N LEU G 100 -6.87 -0.12 11.17
CA LEU G 100 -5.92 -1.23 11.02
C LEU G 100 -6.33 -2.14 9.85
N LEU G 101 -7.64 -2.21 9.61
CA LEU G 101 -8.15 -3.11 8.58
C LEU G 101 -8.78 -2.32 7.45
N GLY G 102 -8.19 -1.18 7.16
CA GLY G 102 -8.71 -0.30 6.13
C GLY G 102 -8.67 -0.86 4.72
N ARG G 103 -7.79 -1.82 4.48
CA ARG G 103 -7.64 -2.25 3.10
C ARG G 103 -7.93 -3.77 3.02
N VAL G 104 -8.85 -4.24 3.84
CA VAL G 104 -9.17 -5.68 3.94
C VAL G 104 -10.62 -5.93 3.66
N THR G 105 -10.92 -7.02 2.98
CA THR G 105 -12.31 -7.34 2.71
C THR G 105 -12.69 -8.53 3.57
N ILE G 106 -13.72 -8.38 4.38
CA ILE G 106 -14.23 -9.44 5.23
C ILE G 106 -15.30 -10.11 4.41
N ALA G 107 -15.04 -11.34 3.96
CA ALA G 107 -16.01 -12.05 3.12
C ALA G 107 -17.36 -12.07 3.80
N GLN G 108 -18.42 -11.92 3.01
CA GLN G 108 -19.77 -11.95 3.56
C GLN G 108 -20.01 -10.86 4.59
N GLY G 109 -19.19 -9.83 4.57
CA GLY G 109 -19.34 -8.76 5.51
C GLY G 109 -20.50 -7.81 5.30
N GLY G 110 -20.90 -7.61 4.06
CA GLY G 110 -21.86 -6.55 3.75
C GLY G 110 -21.18 -5.23 3.94
N VAL G 111 -21.99 -4.17 4.06
CA VAL G 111 -21.48 -2.83 4.39
C VAL G 111 -22.25 -2.23 5.53
N LEU G 112 -21.72 -1.16 6.10
CA LEU G 112 -22.47 -0.43 7.09
C LEU G 112 -23.58 0.28 6.37
N PRO G 113 -24.78 0.26 6.95
CA PRO G 113 -25.87 1.01 6.36
C PRO G 113 -25.53 2.49 6.41
N ASN G 114 -25.63 3.17 5.27
CA ASN G 114 -25.35 4.59 5.22
C ASN G 114 -25.99 5.22 4.00
N ILE G 115 -26.85 6.20 4.24
CA ILE G 115 -27.46 6.96 3.15
C ILE G 115 -27.09 8.42 3.31
N GLN G 116 -26.52 8.98 2.25
CA GLN G 116 -26.10 10.37 2.25
C GLN G 116 -27.33 11.20 2.51
N ALA G 117 -27.22 12.22 3.33
CA ALA G 117 -28.38 13.04 3.67
C ALA G 117 -29.08 13.57 2.41
N VAL G 118 -28.30 14.06 1.44
CA VAL G 118 -28.86 14.76 0.28
C VAL G 118 -29.83 13.88 -0.51
N LEU G 119 -29.69 12.57 -0.36
CA LEU G 119 -30.48 11.61 -1.11
C LEU G 119 -31.87 11.46 -0.52
N LEU G 120 -31.99 11.82 0.76
CA LEU G 120 -33.23 11.72 1.49
C LEU G 120 -34.35 12.68 1.03
N PRO G 121 -35.61 12.23 1.14
CA PRO G 121 -36.87 12.89 0.76
C PRO G 121 -37.08 14.26 1.38
N LYS G 122 -37.97 15.05 0.78
CA LYS G 122 -38.56 16.24 1.42
C LYS G 122 -37.66 17.49 1.40
N ARG H 37 -3.43 -32.77 9.43
CA ARG H 37 -2.30 -32.36 8.60
C ARG H 37 -2.35 -30.85 8.32
N LYS H 38 -3.55 -30.27 8.23
CA LYS H 38 -3.67 -28.84 7.94
C LYS H 38 -3.97 -28.07 9.23
N GLU H 39 -2.96 -27.40 9.79
CA GLU H 39 -3.12 -26.64 11.05
C GLU H 39 -3.73 -25.25 10.88
N SER H 40 -4.28 -24.72 11.97
CA SER H 40 -5.08 -23.49 11.97
C SER H 40 -5.01 -22.79 13.33
N TYR H 41 -5.78 -21.73 13.54
CA TYR H 41 -5.87 -21.10 14.85
C TYR H 41 -7.25 -21.22 15.49
N SER H 42 -8.12 -22.07 14.94
CA SER H 42 -9.49 -22.21 15.44
C SER H 42 -9.61 -22.49 16.96
N ILE H 43 -8.80 -23.42 17.44
CA ILE H 43 -8.77 -23.76 18.86
C ILE H 43 -8.60 -22.54 19.79
N TYR H 44 -7.61 -21.71 19.48
CA TYR H 44 -7.27 -20.60 20.36
C TYR H 44 -8.26 -19.44 20.21
N VAL H 45 -8.68 -19.19 18.98
CA VAL H 45 -9.70 -18.17 18.73
C VAL H 45 -10.89 -18.55 19.59
N TYR H 46 -11.31 -19.81 19.50
CA TYR H 46 -12.48 -20.26 20.25
C TYR H 46 -12.31 -20.13 21.76
N LYS H 47 -11.15 -20.52 22.29
CA LYS H 47 -10.90 -20.32 23.73
C LYS H 47 -11.11 -18.84 24.09
N VAL H 48 -10.43 -17.95 23.39
CA VAL H 48 -10.53 -16.52 23.67
C VAL H 48 -11.98 -16.03 23.57
N LEU H 49 -12.72 -16.53 22.58
CA LEU H 49 -14.13 -16.20 22.44
C LEU H 49 -14.88 -16.58 23.68
N LYS H 50 -14.53 -17.72 24.25
CA LYS H 50 -15.15 -18.16 25.50
C LYS H 50 -14.76 -17.30 26.71
N GLN H 51 -13.49 -16.91 26.82
CA GLN H 51 -13.10 -15.95 27.84
C GLN H 51 -13.96 -14.70 27.74
N VAL H 52 -14.07 -14.15 26.54
CA VAL H 52 -14.72 -12.87 26.35
C VAL H 52 -16.24 -12.94 26.39
N HIS H 53 -16.80 -14.01 25.83
CA HIS H 53 -18.26 -14.12 25.67
C HIS H 53 -18.72 -15.56 25.79
N PRO H 54 -18.80 -16.09 27.02
CA PRO H 54 -18.95 -17.53 27.19
C PRO H 54 -20.23 -18.03 26.54
N ASP H 55 -21.20 -17.13 26.50
CA ASP H 55 -22.54 -17.42 26.02
C ASP H 55 -22.64 -17.32 24.50
N THR H 56 -21.55 -16.93 23.83
CA THR H 56 -21.56 -16.73 22.38
C THR H 56 -20.79 -17.83 21.62
N GLY H 57 -21.29 -18.20 20.44
CA GLY H 57 -20.61 -19.16 19.58
C GLY H 57 -20.20 -18.52 18.27
N ILE H 58 -19.64 -19.30 17.34
CA ILE H 58 -19.14 -18.72 16.09
C ILE H 58 -19.21 -19.68 14.87
N SER H 59 -19.66 -19.15 13.74
CA SER H 59 -19.86 -19.95 12.53
C SER H 59 -18.56 -20.21 11.83
N SER H 60 -18.53 -21.24 11.00
CA SER H 60 -17.32 -21.65 10.31
C SER H 60 -16.71 -20.57 9.40
N LYS H 61 -17.54 -19.93 8.56
CA LYS H 61 -17.06 -18.81 7.74
C LYS H 61 -16.36 -17.77 8.61
N ALA H 62 -17.00 -17.43 9.73
CA ALA H 62 -16.48 -16.41 10.63
C ALA H 62 -15.16 -16.84 11.24
N MET H 63 -15.05 -18.12 11.56
CA MET H 63 -13.81 -18.65 12.09
C MET H 63 -12.73 -18.49 11.04
N GLY H 64 -13.11 -18.69 9.79
CA GLY H 64 -12.21 -18.49 8.67
C GLY H 64 -11.72 -17.07 8.57
N ILE H 65 -12.65 -16.12 8.67
CA ILE H 65 -12.28 -14.70 8.78
C ILE H 65 -11.26 -14.48 9.89
N MET H 66 -11.53 -15.01 11.07
CA MET H 66 -10.64 -14.77 12.20
C MET H 66 -9.28 -15.41 11.95
N ASN H 67 -9.26 -16.50 11.20
CA ASN H 67 -8.00 -17.19 11.02
C ASN H 67 -7.15 -16.41 10.02
N SER H 68 -7.81 -15.93 8.96
CA SER H 68 -7.19 -15.00 8.03
C SER H 68 -6.61 -13.82 8.78
N PHE H 69 -7.44 -13.23 9.63
CA PHE H 69 -7.02 -12.09 10.43
C PHE H 69 -5.73 -12.38 11.18
N VAL H 70 -5.69 -13.48 11.91
CA VAL H 70 -4.49 -13.74 12.67
C VAL H 70 -3.27 -13.88 11.73
N ASN H 71 -3.41 -14.57 10.59
CA ASN H 71 -2.21 -14.63 9.75
C ASN H 71 -1.81 -13.28 9.13
N ASP H 72 -2.79 -12.46 8.73
CA ASP H 72 -2.51 -11.12 8.22
C ASP H 72 -1.71 -10.32 9.27
N ILE H 73 -2.25 -10.17 10.49
CA ILE H 73 -1.50 -9.42 11.52
C ILE H 73 -0.14 -10.04 11.88
N PHE H 74 -0.09 -11.37 12.02
CA PHE H 74 1.20 -12.03 12.26
C PHE H 74 2.21 -11.58 11.21
N GLU H 75 1.84 -11.67 9.92
CA GLU H 75 2.76 -11.31 8.84
C GLU H 75 3.17 -9.86 8.89
N ARG H 76 2.25 -8.94 9.15
CA ARG H 76 2.64 -7.53 9.24
C ARG H 76 3.65 -7.25 10.34
N ILE H 77 3.33 -7.69 11.57
CA ILE H 77 4.22 -7.49 12.72
C ILE H 77 5.62 -8.08 12.43
N ALA H 78 5.60 -9.33 11.98
CA ALA H 78 6.79 -10.09 11.70
C ALA H 78 7.66 -9.44 10.62
N GLY H 79 7.05 -9.09 9.50
CA GLY H 79 7.77 -8.39 8.46
C GLY H 79 8.41 -7.08 8.90
N GLU H 80 7.63 -6.23 9.62
CA GLU H 80 8.12 -4.92 10.04
C GLU H 80 9.31 -5.08 10.97
N ALA H 81 9.19 -6.09 11.84
CA ALA H 81 10.24 -6.43 12.78
C ALA H 81 11.48 -6.87 12.00
N SER H 82 11.26 -7.64 10.94
CA SER H 82 12.34 -8.09 10.07
C SER H 82 13.11 -6.93 9.44
N ARG H 83 12.34 -5.98 8.90
CA ARG H 83 12.96 -4.77 8.41
C ARG H 83 13.71 -4.04 9.52
N LEU H 84 13.17 -4.04 10.73
CA LEU H 84 13.83 -3.31 11.82
C LEU H 84 15.18 -3.91 12.15
N ALA H 85 15.18 -5.22 12.29
CA ALA H 85 16.41 -5.95 12.50
C ALA H 85 17.40 -5.65 11.39
N HIS H 86 17.00 -5.77 10.12
CA HIS H 86 18.01 -5.54 9.09
C HIS H 86 18.52 -4.08 9.08
N TYR H 87 17.66 -3.07 9.20
CA TYR H 87 18.11 -1.65 9.15
C TYR H 87 19.21 -1.37 10.13
N ASN H 88 19.17 -2.09 11.25
CA ASN H 88 20.13 -1.89 12.30
C ASN H 88 21.20 -2.96 12.32
N LYS H 89 21.38 -3.63 11.19
CA LYS H 89 22.38 -4.67 11.02
C LYS H 89 22.36 -5.63 12.21
N ARG H 90 21.17 -6.04 12.61
CA ARG H 90 21.04 -7.01 13.68
C ARG H 90 20.52 -8.31 13.11
N SER H 91 20.95 -9.41 13.72
CA SER H 91 20.71 -10.72 13.13
C SER H 91 19.57 -11.42 13.83
N THR H 92 18.98 -10.74 14.82
CA THR H 92 18.02 -11.40 15.68
C THR H 92 16.79 -10.53 15.96
N ILE H 93 15.63 -11.17 15.90
CA ILE H 93 14.37 -10.50 16.21
C ILE H 93 14.03 -10.80 17.66
N THR H 94 14.13 -9.77 18.50
CA THR H 94 13.81 -9.88 19.91
C THR H 94 12.50 -9.18 20.17
N SER H 95 11.97 -9.34 21.37
CA SER H 95 10.72 -8.73 21.74
C SER H 95 10.77 -7.21 21.58
N ARG H 96 11.98 -6.67 21.54
CA ARG H 96 12.10 -5.24 21.35
C ARG H 96 11.62 -4.89 19.94
N GLU H 97 12.03 -5.71 18.97
CA GLU H 97 11.57 -5.53 17.62
C GLU H 97 10.07 -5.71 17.52
N ILE H 98 9.53 -6.77 18.11
CA ILE H 98 8.09 -6.92 18.04
C ILE H 98 7.41 -5.67 18.54
N GLN H 99 7.92 -5.13 19.63
CA GLN H 99 7.28 -3.97 20.25
C GLN H 99 7.31 -2.75 19.33
N THR H 100 8.49 -2.44 18.82
CA THR H 100 8.61 -1.31 17.90
C THR H 100 7.67 -1.53 16.71
N ALA H 101 7.61 -2.77 16.23
CA ALA H 101 6.74 -3.07 15.12
C ALA H 101 5.34 -2.71 15.49
N VAL H 102 4.85 -3.26 16.59
CA VAL H 102 3.52 -2.93 17.10
C VAL H 102 3.28 -1.41 17.20
N ARG H 103 4.26 -0.65 17.68
CA ARG H 103 4.03 0.78 17.82
C ARG H 103 3.81 1.40 16.45
N LEU H 104 4.54 0.89 15.46
CA LEU H 104 4.34 1.34 14.08
C LEU H 104 3.04 0.88 13.45
N LEU H 105 2.75 -0.40 13.59
CA LEU H 105 1.57 -0.95 12.97
C LEU H 105 0.23 -0.67 13.63
N LEU H 106 0.13 -0.65 14.94
CA LEU H 106 -1.19 -0.48 15.54
C LEU H 106 -1.47 1.00 15.89
N PRO H 107 -2.74 1.41 15.74
CA PRO H 107 -3.17 2.78 16.00
C PRO H 107 -3.70 3.01 17.40
N GLY H 108 -3.23 4.08 18.03
CA GLY H 108 -3.80 4.59 19.25
C GLY H 108 -3.93 3.63 20.39
N GLU H 109 -5.15 3.45 20.88
CA GLU H 109 -5.37 2.61 22.04
C GLU H 109 -4.98 1.17 21.78
N LEU H 110 -5.16 0.73 20.55
CA LEU H 110 -4.87 -0.65 20.23
C LEU H 110 -3.37 -0.88 20.46
N ALA H 111 -2.58 0.12 20.10
CA ALA H 111 -1.16 0.05 20.36
C ALA H 111 -0.85 -0.05 21.83
N LYS H 112 -1.45 0.85 22.62
CA LYS H 112 -1.16 0.92 24.06
C LYS H 112 -1.47 -0.42 24.75
N HIS H 113 -2.69 -0.93 24.61
CA HIS H 113 -2.97 -2.24 25.18
C HIS H 113 -2.14 -3.38 24.61
N ALA H 114 -1.75 -3.28 23.34
CA ALA H 114 -0.97 -4.35 22.75
C ALA H 114 0.36 -4.40 23.44
N VAL H 115 1.02 -3.26 23.52
CA VAL H 115 2.33 -3.20 24.17
C VAL H 115 2.20 -3.65 25.62
N SER H 116 1.09 -3.30 26.25
CA SER H 116 0.88 -3.71 27.65
C SER H 116 0.85 -5.23 27.75
N GLU H 117 -0.13 -5.86 27.11
CA GLU H 117 -0.24 -7.33 27.18
C GLU H 117 1.06 -7.98 26.72
N GLY H 118 1.73 -7.33 25.81
CA GLY H 118 2.98 -7.86 25.31
C GLY H 118 4.02 -7.94 26.40
N THR H 119 4.40 -6.79 26.93
CA THR H 119 5.46 -6.79 27.93
C THR H 119 5.07 -7.58 29.18
N LYS H 120 3.78 -7.63 29.47
CA LYS H 120 3.45 -8.30 30.70
C LYS H 120 3.41 -9.79 30.45
N ALA H 121 3.17 -10.21 29.21
CA ALA H 121 3.29 -11.65 28.89
C ALA H 121 4.74 -12.06 28.94
N VAL H 122 5.62 -11.24 28.40
CA VAL H 122 7.05 -11.56 28.42
C VAL H 122 7.53 -11.60 29.86
N THR H 123 7.06 -10.67 30.71
CA THR H 123 7.46 -10.67 32.13
C THR H 123 7.00 -11.95 32.86
N LYS H 124 5.69 -12.24 32.80
CA LYS H 124 5.17 -13.41 33.45
C LYS H 124 5.92 -14.65 32.99
N TYR H 125 6.19 -14.73 31.69
CA TYR H 125 6.90 -15.87 31.14
C TYR H 125 8.32 -15.92 31.68
N THR H 126 8.97 -14.74 31.75
CA THR H 126 10.34 -14.60 32.22
C THR H 126 10.50 -15.18 33.63
N SER H 127 9.46 -15.00 34.45
CA SER H 127 9.54 -15.50 35.81
C SER H 127 9.60 -17.02 35.87
N ALA H 128 8.51 -17.71 35.56
CA ALA H 128 8.53 -19.17 35.72
C ALA H 128 8.59 -19.91 34.40
N GLY K 1 -6.48 -11.60 33.36
CA GLY K 1 -5.88 -11.82 32.05
C GLY K 1 -5.60 -10.51 31.33
N MET K 2 -6.16 -10.35 30.14
CA MET K 2 -5.91 -9.18 29.31
C MET K 2 -6.99 -8.11 29.46
N ARG K 3 -6.55 -6.86 29.47
CA ARG K 3 -7.49 -5.76 29.58
C ARG K 3 -7.75 -5.13 28.23
N LEU K 4 -9.02 -5.12 27.86
CA LEU K 4 -9.49 -4.50 26.65
C LEU K 4 -9.83 -3.02 26.86
N ARG K 5 -9.94 -2.28 25.76
CA ARG K 5 -10.23 -0.87 25.82
C ARG K 5 -11.56 -0.60 26.54
N SER K 6 -12.50 -1.54 26.39
CA SER K 6 -13.83 -1.38 26.95
C SER K 6 -13.86 -1.60 28.45
N GLY K 7 -12.73 -2.01 29.01
CA GLY K 7 -12.65 -2.27 30.44
C GLY K 7 -12.69 -3.75 30.78
N ARG K 8 -13.39 -4.54 29.96
CA ARG K 8 -13.54 -5.98 30.18
C ARG K 8 -12.16 -6.64 30.33
N SER K 9 -12.13 -7.77 31.01
CA SER K 9 -10.91 -8.50 31.19
C SER K 9 -11.15 -9.91 30.69
N THR K 10 -10.09 -10.53 30.19
CA THR K 10 -10.23 -11.89 29.68
C THR K 10 -10.29 -12.82 30.89
N GLY K 11 -10.42 -14.12 30.60
CA GLY K 11 -10.38 -15.12 31.65
C GLY K 11 -9.13 -14.99 32.50
#